data_6DXX
#
_entry.id   6DXX
#
_cell.length_a   76.610
_cell.length_b   99.798
_cell.length_c   92.756
_cell.angle_alpha   90.00
_cell.angle_beta   96.13
_cell.angle_gamma   90.00
#
_symmetry.space_group_name_H-M   'P 1 21 1'
#
loop_
_entity.id
_entity.type
_entity.pdbx_description
1 polymer 'N-acylethanolamine-hydrolyzing acid amidase subunit alpha'
2 polymer 'N-acylethanolamine-hydrolyzing acid amidase subunit beta'
3 branched 2-acetamido-2-deoxy-beta-D-glucopyranose-(1-4)-2-acetamido-2-deoxy-beta-D-glucopyranose
4 non-polymer 2-acetamido-2-deoxy-beta-D-glucopyranose
5 non-polymer 'CHLORIDE ION'
6 non-polymer 2-{2-[4-(1,1,3,3-TETRAMETHYLBUTYL)PHENOXY]ETHOXY}ETHANOL
7 non-polymer [2-(ethylsulfonyl)phenyl][(2S)-4-(6-fluoro-1,3-benzothiazol-2-yl)-2-methylpiperazin-1-yl]methanone
8 non-polymer 'THIOCYANATE ION'
9 water water
#
loop_
_entity_poly.entity_id
_entity_poly.type
_entity_poly.pdbx_seq_one_letter_code
_entity_poly.pdbx_strand_id
1 'polypeptide(L)'
;DRHHHHHHKLSPPAAPRFNVSLDSVPELRWLPVLRHYDLDLVRAAMAQVIGDRVPKWVHVLIGKVVLELERFLPQPFTGE
IRGMCDFMNLSLADCLLVNLAYESSVF
;
A,C,E
2 'polypeptide(L)'
;CTSIVAQDSRGHIYHGRNLDYPFGNVLRKLTVDVQFLKNGQIAFTGTTFIGYVGLWTGQSPHKFTVSGDERDKGWWWENA
IAALFRRHIPVSWLIRATLSESENFEAAVGKLAKTPLIADVYYIVGGTSPREGVVITRNRDGPADIWPLDPLNGAWFRVE
TNYDHWKPAPKEDDRRTSAIKALNATGQANLSLEALFQILSVVPVYNNFTIYTTVMSAGSPDKYMTRIRNPSRK
;
B,D,F
#
loop_
_chem_comp.id
_chem_comp.type
_chem_comp.name
_chem_comp.formula
CL non-polymer 'CHLORIDE ION' 'Cl -1'
NAG D-saccharide, beta linking 2-acetamido-2-deoxy-beta-D-glucopyranose 'C8 H15 N O6'
SCN non-polymer 'THIOCYANATE ION' 'C N S -1'
TON non-polymer 2-{2-[4-(1,1,3,3-TETRAMETHYLBUTYL)PHENOXY]ETHOXY}ETHANOL 'C18 H30 O3'
WTF non-polymer [2-(ethylsulfonyl)phenyl][(2S)-4-(6-fluoro-1,3-benzothiazol-2-yl)-2-methylpiperazin-1-yl]methanone 'C21 H22 F N3 O3 S2'
#
# COMPACT_ATOMS: atom_id res chain seq x y z
N SER A 11 -4.90 -6.65 -12.19
CA SER A 11 -3.62 -6.07 -11.78
C SER A 11 -3.83 -5.02 -10.68
N PRO A 12 -2.75 -4.65 -9.99
CA PRO A 12 -2.85 -3.67 -8.90
C PRO A 12 -3.34 -2.34 -9.46
N PRO A 13 -3.76 -1.41 -8.61
CA PRO A 13 -4.37 -0.17 -9.13
C PRO A 13 -3.36 0.64 -9.91
N ALA A 14 -3.78 1.12 -11.09
CA ALA A 14 -2.96 1.99 -11.91
C ALA A 14 -2.84 3.37 -11.28
N ALA A 15 -1.64 3.94 -11.36
CA ALA A 15 -1.41 5.26 -10.79
C ALA A 15 -2.27 6.29 -11.50
N PRO A 16 -2.79 7.31 -10.79
CA PRO A 16 -3.54 8.37 -11.46
C PRO A 16 -2.70 9.00 -12.57
N ARG A 17 -3.38 9.39 -13.65
CA ARG A 17 -2.74 9.98 -14.82
C ARG A 17 -3.25 11.40 -15.01
N PHE A 18 -2.33 12.35 -15.13
CA PHE A 18 -2.67 13.75 -15.24
C PHE A 18 -1.83 14.39 -16.34
N ASN A 19 -2.24 15.59 -16.72
CA ASN A 19 -1.62 16.40 -17.75
C ASN A 19 -0.96 17.63 -17.14
N VAL A 20 0.21 17.99 -17.67
CA VAL A 20 0.91 19.21 -17.27
C VAL A 20 1.32 19.94 -18.55
N SER A 21 0.80 21.15 -18.72
CA SER A 21 1.05 21.92 -19.94
C SER A 21 2.31 22.74 -19.75
N LEU A 22 3.37 22.40 -20.50
CA LEU A 22 4.58 23.19 -20.45
C LEU A 22 4.43 24.56 -21.12
N ASP A 23 3.27 24.84 -21.71
CA ASP A 23 3.02 26.18 -22.23
C ASP A 23 2.62 27.15 -21.12
N SER A 24 2.07 26.63 -20.03
CA SER A 24 1.73 27.47 -18.89
C SER A 24 2.99 27.96 -18.21
N VAL A 25 2.86 29.05 -17.48
CA VAL A 25 3.96 29.61 -16.70
C VAL A 25 4.38 28.54 -15.70
N PRO A 26 5.66 28.43 -15.36
CA PRO A 26 6.08 27.37 -14.42
C PRO A 26 5.32 27.39 -13.10
N GLU A 27 4.99 28.57 -12.58
CA GLU A 27 4.35 28.66 -11.27
C GLU A 27 2.93 28.08 -11.28
N LEU A 28 2.33 27.90 -12.45
CA LEU A 28 0.97 27.38 -12.56
C LEU A 28 0.90 26.01 -13.21
N ARG A 29 2.02 25.43 -13.60
CA ARG A 29 1.99 24.20 -14.38
C ARG A 29 1.33 23.06 -13.62
N TRP A 30 1.67 22.89 -12.34
CA TRP A 30 1.23 21.72 -11.59
C TRP A 30 -0.09 21.92 -10.87
N LEU A 31 -0.58 23.16 -10.76
CA LEU A 31 -1.80 23.38 -9.98
C LEU A 31 -2.99 22.59 -10.50
N PRO A 32 -3.22 22.47 -11.80
CA PRO A 32 -4.34 21.62 -12.25
C PRO A 32 -4.28 20.22 -11.67
N VAL A 33 -3.08 19.73 -11.37
CA VAL A 33 -2.93 18.40 -10.79
C VAL A 33 -3.16 18.44 -9.29
N LEU A 34 -2.65 19.47 -8.61
CA LEU A 34 -2.78 19.54 -7.15
C LEU A 34 -4.24 19.64 -6.72
N ARG A 35 -5.08 20.28 -7.54
CA ARG A 35 -6.48 20.46 -7.16
C ARG A 35 -7.21 19.13 -7.00
N HIS A 36 -6.65 18.04 -7.55
CA HIS A 36 -7.24 16.73 -7.38
C HIS A 36 -6.85 16.05 -6.07
N TYR A 37 -6.08 16.71 -5.21
CA TYR A 37 -5.55 16.07 -4.01
C TYR A 37 -5.88 16.87 -2.77
N ASP A 38 -6.02 16.16 -1.65
CA ASP A 38 -6.15 16.78 -0.34
C ASP A 38 -4.75 17.22 0.05
N LEU A 39 -4.45 18.50 -0.15
CA LEU A 39 -3.09 19.00 0.05
C LEU A 39 -2.56 18.73 1.45
N ASP A 40 -3.44 18.53 2.43
CA ASP A 40 -2.97 18.14 3.76
C ASP A 40 -2.19 16.84 3.70
N LEU A 41 -2.58 15.92 2.82
CA LEU A 41 -1.87 14.65 2.70
C LEU A 41 -0.47 14.85 2.14
N VAL A 42 -0.28 15.80 1.23
CA VAL A 42 1.06 16.10 0.75
C VAL A 42 1.87 16.68 1.90
N ARG A 43 1.28 17.61 2.65
CA ARG A 43 1.96 18.18 3.80
C ARG A 43 2.32 17.13 4.83
N ALA A 44 1.44 16.14 5.04
CA ALA A 44 1.71 15.12 6.05
C ALA A 44 2.86 14.21 5.62
N ALA A 45 2.94 13.89 4.32
CA ALA A 45 4.02 13.04 3.85
C ALA A 45 5.37 13.74 3.98
N MET A 46 5.39 15.07 3.75
CA MET A 46 6.62 15.83 3.92
C MET A 46 7.08 15.84 5.37
N ALA A 47 6.13 16.04 6.31
CA ALA A 47 6.50 16.13 7.71
C ALA A 47 7.09 14.83 8.23
N GLN A 48 6.62 13.69 7.73
CA GLN A 48 7.18 12.41 8.18
C GLN A 48 8.54 12.13 7.55
N VAL A 49 8.69 12.38 6.24
CA VAL A 49 9.97 12.07 5.60
C VAL A 49 11.05 13.07 6.03
N ILE A 50 10.70 14.36 6.11
CA ILE A 50 11.69 15.36 6.50
C ILE A 50 12.13 15.17 7.94
N GLY A 51 11.17 15.17 8.88
CA GLY A 51 11.51 15.13 10.29
C GLY A 51 12.35 13.93 10.67
N ASP A 52 12.18 12.82 9.94
CA ASP A 52 12.87 11.57 10.25
C ASP A 52 14.20 11.45 9.51
N ARG A 53 14.72 12.53 8.94
CA ARG A 53 15.93 12.40 8.14
C ARG A 53 16.85 13.61 8.20
N VAL A 54 16.29 14.81 8.15
CA VAL A 54 17.10 16.02 7.91
C VAL A 54 17.80 16.42 9.20
N PRO A 55 19.12 16.63 9.17
CA PRO A 55 19.78 17.32 10.29
C PRO A 55 19.51 18.82 10.25
N LYS A 56 19.50 19.43 11.45
CA LYS A 56 19.11 20.83 11.56
C LYS A 56 20.03 21.74 10.75
N TRP A 57 21.33 21.44 10.72
CA TRP A 57 22.27 22.33 10.06
C TRP A 57 21.98 22.40 8.56
N VAL A 58 21.38 21.35 8.00
CA VAL A 58 20.93 21.41 6.62
C VAL A 58 19.72 22.33 6.51
N HIS A 59 18.80 22.23 7.47
CA HIS A 59 17.61 23.08 7.46
C HIS A 59 17.98 24.54 7.49
N VAL A 60 18.87 24.92 8.40
CA VAL A 60 19.31 26.30 8.43
C VAL A 60 20.06 26.62 7.15
N LEU A 61 20.98 25.72 6.75
CA LEU A 61 21.81 25.97 5.58
C LEU A 61 20.97 26.23 4.34
N ILE A 62 19.99 25.37 4.05
CA ILE A 62 19.20 25.55 2.84
C ILE A 62 18.43 26.86 2.90
N GLY A 63 17.91 27.21 4.08
CA GLY A 63 17.26 28.50 4.25
C GLY A 63 18.25 29.64 4.09
N LYS A 64 19.48 29.43 4.58
CA LYS A 64 20.54 30.41 4.40
C LYS A 64 20.79 30.65 2.90
N VAL A 65 20.62 29.61 2.09
CA VAL A 65 20.99 29.64 0.67
C VAL A 65 19.79 29.71 -0.27
N VAL A 66 18.56 29.74 0.24
CA VAL A 66 17.40 29.80 -0.65
C VAL A 66 17.54 30.93 -1.67
N LEU A 67 18.11 32.07 -1.25
CA LEU A 67 18.23 33.22 -2.15
C LEU A 67 19.18 32.93 -3.30
N GLU A 68 20.07 31.95 -3.15
CA GLU A 68 21.03 31.51 -4.16
C GLU A 68 20.51 30.32 -4.94
N LEU A 69 20.03 29.30 -4.20
CA LEU A 69 19.51 28.09 -4.84
C LEU A 69 18.42 28.43 -5.85
N GLU A 70 17.62 29.46 -5.57
CA GLU A 70 16.59 29.89 -6.50
C GLU A 70 17.16 30.31 -7.85
N ARG A 71 18.33 30.95 -7.85
CA ARG A 71 18.84 31.55 -9.08
C ARG A 71 19.79 30.68 -9.89
N PHE A 72 20.75 30.01 -9.25
CA PHE A 72 21.73 29.23 -10.01
C PHE A 72 21.19 27.87 -10.42
N LEU A 73 20.15 27.35 -9.71
CA LEU A 73 19.53 26.11 -10.16
C LEU A 73 18.57 26.43 -11.30
N PRO A 74 18.50 25.58 -12.33
CA PRO A 74 17.86 26.01 -13.58
C PRO A 74 16.33 26.02 -13.49
N GLN A 75 15.74 27.14 -13.92
CA GLN A 75 14.31 27.14 -14.21
C GLN A 75 14.06 26.11 -15.32
N PRO A 76 12.82 25.62 -15.45
CA PRO A 76 11.60 25.94 -14.69
C PRO A 76 11.45 25.14 -13.40
N PHE A 77 12.49 24.37 -13.03
CA PHE A 77 12.40 23.54 -11.83
C PHE A 77 12.20 24.38 -10.59
N THR A 78 12.88 25.54 -10.50
CA THR A 78 12.73 26.37 -9.33
C THR A 78 11.36 27.03 -9.29
N GLY A 79 10.88 27.50 -10.43
CA GLY A 79 9.57 28.13 -10.46
C GLY A 79 8.43 27.15 -10.23
N GLU A 80 8.56 25.94 -10.76
CA GLU A 80 7.52 24.94 -10.54
C GLU A 80 7.41 24.60 -9.05
N ILE A 81 8.55 24.44 -8.38
CA ILE A 81 8.53 24.14 -6.95
C ILE A 81 7.89 25.29 -6.19
N ARG A 82 8.31 26.53 -6.50
CA ARG A 82 7.73 27.67 -5.81
C ARG A 82 6.23 27.77 -6.06
N GLY A 83 5.77 27.36 -7.23
CA GLY A 83 4.34 27.45 -7.52
C GLY A 83 3.53 26.49 -6.67
N MET A 84 3.98 25.23 -6.56
CA MET A 84 3.26 24.28 -5.73
C MET A 84 3.42 24.60 -4.24
N CYS A 85 4.56 25.16 -3.86
CA CYS A 85 4.79 25.42 -2.44
C CYS A 85 3.85 26.51 -1.93
N ASP A 86 3.77 27.63 -2.64
CA ASP A 86 2.83 28.69 -2.24
C ASP A 86 1.39 28.18 -2.27
N PHE A 87 1.03 27.45 -3.32
CA PHE A 87 -0.33 26.92 -3.41
C PHE A 87 -0.68 26.10 -2.18
N MET A 88 0.29 25.37 -1.65
CA MET A 88 0.08 24.54 -0.47
C MET A 88 0.38 25.27 0.83
N ASN A 89 0.83 26.52 0.75
CA ASN A 89 1.20 27.30 1.94
C ASN A 89 2.33 26.62 2.71
N LEU A 90 3.35 26.20 1.99
CA LEU A 90 4.52 25.58 2.59
C LEU A 90 5.71 26.52 2.47
N SER A 91 6.77 26.20 3.21
CA SER A 91 7.99 27.00 3.19
C SER A 91 8.87 26.53 2.05
N LEU A 92 9.28 27.47 1.20
CA LEU A 92 10.06 27.11 0.01
C LEU A 92 11.28 26.29 0.39
N ALA A 93 11.90 26.59 1.53
CA ALA A 93 13.10 25.87 1.95
C ALA A 93 12.81 24.38 2.06
N ASP A 94 11.61 24.01 2.51
CA ASP A 94 11.27 22.60 2.64
C ASP A 94 10.93 21.99 1.29
N CYS A 95 10.21 22.71 0.44
CA CYS A 95 9.88 22.19 -0.88
C CYS A 95 11.15 21.99 -1.69
N LEU A 96 12.10 22.91 -1.58
CA LEU A 96 13.39 22.72 -2.24
C LEU A 96 14.14 21.55 -1.64
N LEU A 97 14.01 21.34 -0.34
CA LEU A 97 14.71 20.24 0.31
C LEU A 97 14.15 18.91 -0.14
N VAL A 98 12.83 18.80 -0.29
CA VAL A 98 12.24 17.55 -0.76
C VAL A 98 12.68 17.29 -2.20
N ASN A 99 12.67 18.32 -3.03
CA ASN A 99 13.06 18.16 -4.44
C ASN A 99 14.56 17.88 -4.59
N LEU A 100 15.37 18.26 -3.61
CA LEU A 100 16.79 17.92 -3.59
C LEU A 100 17.08 16.78 -2.62
N ALA A 101 16.08 15.94 -2.31
CA ALA A 101 16.28 14.89 -1.31
C ALA A 101 17.42 13.97 -1.68
N TYR A 102 17.54 13.62 -2.96
CA TYR A 102 18.62 12.73 -3.36
C TYR A 102 19.98 13.40 -3.18
N GLU A 103 20.07 14.68 -3.53
CA GLU A 103 21.35 15.36 -3.45
C GLU A 103 21.79 15.59 -2.01
N SER A 104 20.84 15.80 -1.10
CA SER A 104 21.21 16.06 0.29
C SER A 104 21.91 14.86 0.91
N SER A 105 21.63 13.66 0.42
CA SER A 105 22.25 12.40 0.83
C SER A 105 21.72 11.93 2.18
N VAL A 106 20.98 12.76 2.93
CA VAL A 106 20.48 12.37 4.24
C VAL A 106 19.15 11.63 4.18
N PHE A 107 18.58 11.47 2.98
CA PHE A 107 17.30 10.80 2.81
C PHE A 107 17.52 9.32 2.53
N CYS B 1 16.21 0.08 -5.50
CA CYS B 1 15.52 0.15 -6.78
C CYS B 1 16.02 -0.93 -7.74
N THR B 2 15.25 -1.16 -8.80
CA THR B 2 15.63 -2.12 -9.84
C THR B 2 15.11 -1.61 -11.18
N SER B 3 16.00 -1.55 -12.17
CA SER B 3 15.67 -1.11 -13.52
C SER B 3 16.14 -2.16 -14.52
N ILE B 4 15.30 -2.44 -15.51
CA ILE B 4 15.57 -3.49 -16.50
C ILE B 4 15.33 -2.91 -17.89
N VAL B 5 16.29 -3.12 -18.79
CA VAL B 5 16.14 -2.84 -20.21
C VAL B 5 16.47 -4.13 -20.95
N ALA B 6 15.61 -4.50 -21.90
CA ALA B 6 15.73 -5.79 -22.56
C ALA B 6 15.22 -5.71 -23.99
N GLN B 7 15.57 -6.72 -24.78
CA GLN B 7 15.21 -6.80 -26.19
C GLN B 7 14.65 -8.16 -26.52
N ASP B 8 13.55 -8.20 -27.28
CA ASP B 8 12.93 -9.47 -27.62
C ASP B 8 13.54 -9.99 -28.92
N SER B 9 13.04 -11.15 -29.35
CA SER B 9 13.52 -11.76 -30.59
C SER B 9 13.15 -10.94 -31.83
N ARG B 10 12.25 -9.97 -31.70
CA ARG B 10 11.76 -9.20 -32.83
C ARG B 10 12.47 -7.87 -32.91
N GLY B 11 13.39 -7.57 -32.00
CA GLY B 11 14.15 -6.33 -32.05
C GLY B 11 13.55 -5.15 -31.32
N HIS B 12 12.49 -5.37 -30.54
CA HIS B 12 11.84 -4.31 -29.80
C HIS B 12 12.45 -4.18 -28.40
N ILE B 13 12.46 -2.95 -27.91
CA ILE B 13 13.07 -2.63 -26.62
C ILE B 13 12.00 -2.44 -25.56
N TYR B 14 12.17 -3.12 -24.43
CA TYR B 14 11.28 -3.00 -23.29
C TYR B 14 12.06 -2.52 -22.07
N HIS B 15 11.38 -1.75 -21.22
CA HIS B 15 12.04 -1.08 -20.10
C HIS B 15 11.10 -1.07 -18.90
N GLY B 16 11.59 -1.55 -17.77
CA GLY B 16 10.80 -1.59 -16.56
C GLY B 16 11.66 -1.32 -15.34
N ARG B 17 11.00 -0.88 -14.27
CA ARG B 17 11.72 -0.53 -13.07
C ARG B 17 10.79 -0.57 -11.87
N ASN B 18 11.38 -0.91 -10.73
CA ASN B 18 10.73 -0.77 -9.44
C ASN B 18 11.40 0.38 -8.69
N LEU B 19 10.59 1.25 -8.10
CA LEU B 19 11.10 2.34 -7.28
C LEU B 19 10.88 1.94 -5.83
N ASP B 20 11.96 1.67 -5.12
CA ASP B 20 11.92 1.27 -3.72
C ASP B 20 12.28 2.46 -2.84
N TYR B 21 11.49 2.69 -1.79
CA TYR B 21 11.73 3.77 -0.86
C TYR B 21 10.88 3.55 0.39
N PRO B 22 11.35 3.92 1.58
CA PRO B 22 10.48 3.86 2.76
C PRO B 22 9.31 4.83 2.66
N PHE B 23 8.50 4.88 3.72
CA PHE B 23 7.37 5.80 3.76
C PHE B 23 6.34 5.50 2.68
N GLY B 24 6.15 4.22 2.39
CA GLY B 24 5.23 3.86 1.32
C GLY B 24 3.81 4.23 1.63
N ASN B 25 3.40 4.04 2.89
CA ASN B 25 2.02 4.33 3.28
C ASN B 25 1.61 5.76 2.96
N VAL B 26 2.56 6.67 2.76
CA VAL B 26 2.25 8.05 2.44
C VAL B 26 2.56 8.40 0.99
N LEU B 27 3.61 7.82 0.42
CA LEU B 27 4.01 8.17 -0.94
C LEU B 27 3.21 7.44 -2.01
N ARG B 28 2.70 6.23 -1.72
CA ARG B 28 1.87 5.52 -2.69
C ARG B 28 0.72 6.39 -3.15
N LYS B 29 0.09 7.10 -2.21
CA LYS B 29 -1.04 7.97 -2.52
C LYS B 29 -0.64 9.10 -3.46
N LEU B 30 0.64 9.46 -3.49
CA LEU B 30 1.12 10.63 -4.21
C LEU B 30 1.70 10.28 -5.57
N THR B 31 1.74 9.00 -5.93
CA THR B 31 2.29 8.62 -7.22
C THR B 31 1.35 9.01 -8.35
N VAL B 32 1.91 9.56 -9.41
CA VAL B 32 1.15 9.95 -10.58
C VAL B 32 1.97 9.72 -11.84
N ASP B 33 1.28 9.41 -12.93
CA ASP B 33 1.85 9.48 -14.27
C ASP B 33 1.48 10.83 -14.87
N VAL B 34 2.46 11.57 -15.35
CA VAL B 34 2.21 12.91 -15.89
C VAL B 34 2.64 12.94 -17.34
N GLN B 35 1.72 13.33 -18.22
CA GLN B 35 2.02 13.59 -19.61
C GLN B 35 2.31 15.08 -19.75
N PHE B 36 3.55 15.40 -20.13
CA PHE B 36 3.97 16.79 -20.27
C PHE B 36 3.69 17.24 -21.69
N LEU B 37 2.86 18.27 -21.83
CA LEU B 37 2.36 18.70 -23.13
C LEU B 37 3.10 19.92 -23.63
N LYS B 38 3.52 19.88 -24.90
CA LYS B 38 4.05 21.03 -25.60
C LYS B 38 3.10 21.34 -26.75
N ASN B 39 2.41 22.48 -26.65
CA ASN B 39 1.50 22.90 -27.71
C ASN B 39 0.44 21.83 -27.96
N GLY B 40 -0.16 21.34 -26.87
CA GLY B 40 -1.24 20.39 -26.94
C GLY B 40 -0.87 18.95 -27.23
N GLN B 41 0.40 18.68 -27.52
CA GLN B 41 0.86 17.34 -27.83
C GLN B 41 1.79 16.82 -26.73
N ILE B 42 1.68 15.51 -26.48
CA ILE B 42 2.45 14.87 -25.42
C ILE B 42 3.92 14.89 -25.81
N ALA B 43 4.71 15.73 -25.13
CA ALA B 43 6.14 15.79 -25.39
C ALA B 43 6.87 14.61 -24.74
N PHE B 44 6.48 14.25 -23.52
CA PHE B 44 7.08 13.12 -22.83
C PHE B 44 6.25 12.80 -21.59
N THR B 45 6.37 11.55 -21.15
CA THR B 45 5.65 11.06 -19.98
C THR B 45 6.62 10.76 -18.84
N GLY B 46 6.16 10.97 -17.62
CA GLY B 46 6.98 10.72 -16.45
C GLY B 46 6.16 10.24 -15.27
N THR B 47 6.85 9.64 -14.31
CA THR B 47 6.26 9.20 -13.06
C THR B 47 6.99 9.85 -11.90
N THR B 48 6.23 10.45 -10.98
CA THR B 48 6.82 11.14 -9.84
C THR B 48 5.85 11.06 -8.67
N PHE B 49 6.20 11.74 -7.58
CA PHE B 49 5.30 11.95 -6.46
C PHE B 49 4.84 13.40 -6.52
N ILE B 50 3.53 13.61 -6.35
CA ILE B 50 3.00 14.95 -6.44
C ILE B 50 3.75 15.84 -5.45
N GLY B 51 4.27 16.97 -5.94
CA GLY B 51 5.16 17.81 -5.16
C GLY B 51 6.62 17.70 -5.54
N TYR B 52 6.99 16.69 -6.32
CA TYR B 52 8.35 16.47 -6.78
C TYR B 52 8.40 16.65 -8.28
N VAL B 53 9.14 17.66 -8.75
CA VAL B 53 9.13 17.98 -10.18
C VAL B 53 10.12 17.15 -11.00
N GLY B 54 11.09 16.51 -10.36
CA GLY B 54 12.03 15.68 -11.11
C GLY B 54 11.44 14.32 -11.42
N LEU B 55 11.95 13.72 -12.49
CA LEU B 55 11.47 12.43 -12.97
C LEU B 55 12.55 11.37 -12.81
N TRP B 56 12.25 10.35 -12.02
CA TRP B 56 13.09 9.15 -11.95
C TRP B 56 12.67 8.09 -12.95
N THR B 57 11.57 8.31 -13.66
CA THR B 57 11.06 7.35 -14.64
C THR B 57 10.35 8.16 -15.71
N GLY B 58 10.68 7.92 -16.98
CA GLY B 58 10.10 8.75 -18.02
C GLY B 58 10.27 8.14 -19.39
N GLN B 59 9.53 8.73 -20.33
CA GLN B 59 9.47 8.21 -21.69
C GLN B 59 9.31 9.37 -22.67
N SER B 60 10.11 9.34 -23.73
CA SER B 60 9.93 10.24 -24.87
C SER B 60 9.31 9.46 -26.00
N PRO B 61 8.15 9.83 -26.52
CA PRO B 61 7.45 8.95 -27.47
C PRO B 61 8.30 8.65 -28.69
N HIS B 62 8.43 7.35 -28.99
CA HIS B 62 9.13 6.89 -30.18
C HIS B 62 10.58 7.36 -30.23
N LYS B 63 11.17 7.60 -29.05
CA LYS B 63 12.57 8.01 -28.98
C LYS B 63 13.32 7.16 -27.98
N PHE B 64 12.96 7.24 -26.70
CA PHE B 64 13.71 6.52 -25.68
C PHE B 64 12.96 6.51 -24.36
N THR B 65 13.37 5.59 -23.49
CA THR B 65 12.88 5.51 -22.12
C THR B 65 14.07 5.68 -21.17
N VAL B 66 13.80 6.27 -20.02
CA VAL B 66 14.85 6.52 -19.03
C VAL B 66 14.32 6.15 -17.65
N SER B 67 15.18 5.59 -16.83
CA SER B 67 14.92 5.39 -15.41
C SER B 67 16.23 5.50 -14.66
N GLY B 68 16.16 5.99 -13.43
CA GLY B 68 17.37 6.19 -12.64
C GLY B 68 17.34 5.47 -11.31
N ASP B 69 18.44 4.81 -10.96
CA ASP B 69 18.57 4.11 -9.70
C ASP B 69 19.65 4.77 -8.84
N GLU B 70 19.56 4.53 -7.53
CA GLU B 70 20.46 5.16 -6.57
C GLU B 70 21.85 4.55 -6.65
N ARG B 71 22.87 5.41 -6.58
CA ARG B 71 24.25 4.97 -6.45
C ARG B 71 24.89 5.70 -5.27
N ASP B 72 25.15 4.98 -4.19
CA ASP B 72 25.71 5.56 -2.96
C ASP B 72 27.22 5.54 -3.07
N LYS B 73 27.79 6.68 -3.43
CA LYS B 73 29.24 6.80 -3.58
C LYS B 73 29.63 8.26 -3.36
N GLY B 74 30.62 8.49 -2.50
CA GLY B 74 31.06 9.83 -2.18
C GLY B 74 30.50 10.30 -0.85
N TRP B 75 30.94 11.49 -0.46
CA TRP B 75 30.53 12.10 0.80
C TRP B 75 29.68 13.34 0.56
N TRP B 76 28.99 13.75 1.63
CA TRP B 76 28.04 14.86 1.53
C TRP B 76 28.70 16.12 0.99
N TRP B 77 29.94 16.40 1.40
CA TRP B 77 30.58 17.63 0.95
C TRP B 77 30.90 17.59 -0.54
N GLU B 78 30.90 16.41 -1.15
CA GLU B 78 31.04 16.33 -2.60
C GLU B 78 29.77 16.80 -3.29
N ASN B 79 28.61 16.38 -2.78
CA ASN B 79 27.35 16.89 -3.29
C ASN B 79 27.22 18.39 -3.04
N ALA B 80 27.61 18.84 -1.85
CA ALA B 80 27.49 20.25 -1.52
C ALA B 80 28.36 21.11 -2.44
N ILE B 81 29.61 20.73 -2.63
CA ILE B 81 30.50 21.48 -3.50
C ILE B 81 30.05 21.37 -4.96
N ALA B 82 29.66 20.16 -5.39
CA ALA B 82 29.21 19.99 -6.76
C ALA B 82 28.00 20.85 -7.06
N ALA B 83 27.14 21.06 -6.06
CA ALA B 83 25.92 21.84 -6.28
C ALA B 83 26.19 23.34 -6.14
N LEU B 84 26.95 23.71 -5.11
CA LEU B 84 27.13 25.13 -4.79
C LEU B 84 28.14 25.79 -5.72
N PHE B 85 29.33 25.21 -5.83
CA PHE B 85 30.45 25.89 -6.49
C PHE B 85 30.72 25.37 -7.89
N ARG B 86 30.51 24.08 -8.15
CA ARG B 86 30.74 23.52 -9.48
C ARG B 86 29.53 23.54 -10.39
N ARG B 87 28.37 23.91 -9.87
CA ARG B 87 27.18 24.15 -10.70
C ARG B 87 26.76 22.92 -11.49
N HIS B 88 26.81 21.77 -10.83
CA HIS B 88 26.19 20.56 -11.35
C HIS B 88 24.69 20.61 -11.08
N ILE B 89 23.93 19.79 -11.82
CA ILE B 89 22.47 19.84 -11.73
C ILE B 89 21.96 18.59 -11.02
N PRO B 90 20.74 18.59 -10.50
CA PRO B 90 20.24 17.41 -9.81
C PRO B 90 20.07 16.22 -10.75
N VAL B 91 20.05 15.02 -10.14
CA VAL B 91 20.06 13.79 -10.92
C VAL B 91 18.74 13.61 -11.67
N SER B 92 17.62 13.80 -10.97
CA SER B 92 16.33 13.59 -11.60
C SER B 92 15.94 14.72 -12.54
N TRP B 93 16.59 15.88 -12.44
CA TRP B 93 16.29 16.97 -13.36
C TRP B 93 16.93 16.74 -14.71
N LEU B 94 18.11 16.09 -14.74
CA LEU B 94 18.74 15.76 -16.01
C LEU B 94 17.92 14.73 -16.77
N ILE B 95 17.33 13.76 -16.07
CA ILE B 95 16.44 12.82 -16.74
C ILE B 95 15.32 13.56 -17.46
N ARG B 96 14.71 14.52 -16.77
CA ARG B 96 13.59 15.25 -17.37
C ARG B 96 14.06 16.17 -18.48
N ALA B 97 15.21 16.82 -18.30
CA ALA B 97 15.77 17.64 -19.36
C ALA B 97 16.04 16.80 -20.59
N THR B 98 16.48 15.56 -20.39
CA THR B 98 16.74 14.66 -21.51
C THR B 98 15.46 14.28 -22.24
N LEU B 99 14.40 13.98 -21.48
CA LEU B 99 13.13 13.61 -22.10
C LEU B 99 12.55 14.76 -22.91
N SER B 100 12.85 15.99 -22.53
CA SER B 100 12.27 17.15 -23.21
C SER B 100 13.07 17.59 -24.41
N GLU B 101 14.40 17.46 -24.38
CA GLU B 101 15.26 18.06 -25.39
C GLU B 101 15.84 17.05 -26.37
N SER B 102 16.39 15.93 -25.87
CA SER B 102 17.12 15.02 -26.74
C SER B 102 16.26 14.53 -27.90
N GLU B 103 16.85 14.52 -29.10
CA GLU B 103 16.13 14.21 -30.33
C GLU B 103 15.99 12.72 -30.58
N ASN B 104 16.88 11.90 -30.02
CA ASN B 104 16.86 10.47 -30.27
C ASN B 104 17.57 9.75 -29.13
N PHE B 105 17.64 8.43 -29.25
CA PHE B 105 18.25 7.59 -28.21
C PHE B 105 19.73 7.90 -28.02
N GLU B 106 20.49 7.90 -29.11
CA GLU B 106 21.93 8.12 -28.98
C GLU B 106 22.23 9.47 -28.35
N ALA B 107 21.43 10.49 -28.67
CA ALA B 107 21.62 11.81 -28.09
C ALA B 107 21.31 11.83 -26.60
N ALA B 108 20.28 11.09 -26.18
CA ALA B 108 19.95 11.03 -24.76
C ALA B 108 21.06 10.34 -23.98
N VAL B 109 21.60 9.25 -24.52
CA VAL B 109 22.69 8.56 -23.83
C VAL B 109 23.84 9.52 -23.59
N GLY B 110 24.13 10.38 -24.56
CA GLY B 110 25.23 11.32 -24.40
C GLY B 110 24.92 12.39 -23.38
N LYS B 111 23.70 12.94 -23.42
CA LYS B 111 23.31 13.95 -22.46
C LYS B 111 23.32 13.37 -21.05
N LEU B 112 22.77 12.17 -20.88
CA LEU B 112 22.71 11.56 -19.56
C LEU B 112 24.08 11.14 -19.06
N ALA B 113 24.98 10.77 -19.97
CA ALA B 113 26.28 10.26 -19.54
C ALA B 113 27.27 11.37 -19.22
N LYS B 114 27.14 12.54 -19.85
CA LYS B 114 28.19 13.55 -19.77
C LYS B 114 27.82 14.81 -18.99
N THR B 115 26.54 15.12 -18.84
CA THR B 115 26.16 16.33 -18.10
C THR B 115 26.56 16.18 -16.63
N PRO B 116 27.26 17.16 -16.05
CA PRO B 116 27.69 17.00 -14.66
C PRO B 116 26.52 16.92 -13.69
N LEU B 117 26.66 16.05 -12.69
CA LEU B 117 25.62 15.81 -11.71
C LEU B 117 26.14 16.09 -10.30
N ILE B 118 25.21 16.46 -9.42
CA ILE B 118 25.53 16.73 -8.02
C ILE B 118 25.85 15.43 -7.27
N ALA B 119 25.28 14.31 -7.73
CA ALA B 119 25.48 13.03 -7.08
C ALA B 119 25.57 11.94 -8.13
N ASP B 120 26.00 10.76 -7.70
CA ASP B 120 26.08 9.61 -8.57
C ASP B 120 24.69 9.04 -8.79
N VAL B 121 24.59 8.15 -9.79
CA VAL B 121 23.32 7.53 -10.14
C VAL B 121 23.60 6.43 -11.15
N TYR B 122 22.64 5.51 -11.32
CA TYR B 122 22.63 4.58 -12.44
C TYR B 122 21.51 5.02 -13.38
N TYR B 123 21.85 5.40 -14.59
CA TYR B 123 20.87 5.70 -15.62
C TYR B 123 20.70 4.49 -16.54
N ILE B 124 19.47 4.03 -16.69
CA ILE B 124 19.12 2.97 -17.63
C ILE B 124 18.29 3.58 -18.74
N VAL B 125 18.73 3.39 -19.98
CA VAL B 125 18.13 4.03 -21.13
C VAL B 125 17.73 2.95 -22.13
N GLY B 126 16.51 3.06 -22.66
CA GLY B 126 16.03 2.16 -23.69
C GLY B 126 15.59 2.96 -24.90
N GLY B 127 15.78 2.38 -26.07
CA GLY B 127 15.44 3.07 -27.31
C GLY B 127 14.33 2.40 -28.11
N THR B 128 14.47 2.41 -29.43
CA THR B 128 13.49 1.85 -30.34
C THR B 128 14.07 0.79 -31.28
N SER B 129 15.28 1.01 -31.78
CA SER B 129 15.92 0.07 -32.68
C SER B 129 16.63 -1.01 -31.89
N PRO B 130 17.02 -2.11 -32.54
CA PRO B 130 17.76 -3.16 -31.82
C PRO B 130 19.06 -2.64 -31.24
N ARG B 131 19.49 -3.27 -30.16
CA ARG B 131 20.71 -2.99 -29.41
C ARG B 131 20.61 -1.72 -28.57
N GLU B 132 19.51 -0.97 -28.67
CA GLU B 132 19.39 0.33 -28.00
C GLU B 132 18.93 0.12 -26.56
N GLY B 133 19.87 -0.33 -25.73
CA GLY B 133 19.66 -0.46 -24.31
C GLY B 133 20.98 -0.39 -23.59
N VAL B 134 21.08 0.42 -22.53
CA VAL B 134 22.36 0.72 -21.92
C VAL B 134 22.17 1.02 -20.44
N VAL B 135 23.18 0.69 -19.66
CA VAL B 135 23.29 1.08 -18.27
C VAL B 135 24.45 2.06 -18.16
N ILE B 136 24.15 3.28 -17.74
CA ILE B 136 25.16 4.32 -17.55
C ILE B 136 25.43 4.42 -16.06
N THR B 137 26.57 3.91 -15.61
CA THR B 137 27.02 4.14 -14.24
C THR B 137 27.67 5.52 -14.19
N ARG B 138 27.09 6.43 -13.39
CA ARG B 138 27.49 7.83 -13.44
C ARG B 138 28.36 8.22 -12.26
N ASN B 139 29.35 9.05 -12.53
CA ASN B 139 30.04 9.85 -11.53
C ASN B 139 29.55 11.29 -11.62
N ARG B 140 29.94 12.12 -10.67
CA ARG B 140 29.49 13.52 -10.70
C ARG B 140 29.97 14.23 -11.95
N ASP B 141 31.19 13.94 -12.40
CA ASP B 141 31.73 14.63 -13.58
C ASP B 141 31.31 13.94 -14.88
N GLY B 142 31.37 12.62 -14.93
CA GLY B 142 31.03 11.90 -16.13
C GLY B 142 30.68 10.44 -15.86
N PRO B 143 30.65 9.64 -16.93
CA PRO B 143 30.27 8.22 -16.77
C PRO B 143 31.43 7.38 -16.29
N ALA B 144 31.17 6.57 -15.26
CA ALA B 144 32.17 5.61 -14.79
C ALA B 144 32.22 4.36 -15.67
N ASP B 145 31.12 4.04 -16.34
CA ASP B 145 31.05 2.85 -17.18
C ASP B 145 29.80 2.97 -18.05
N ILE B 146 29.89 2.40 -19.25
CA ILE B 146 28.76 2.35 -20.18
C ILE B 146 28.60 0.90 -20.62
N TRP B 147 27.41 0.35 -20.39
CA TRP B 147 27.17 -1.09 -20.50
C TRP B 147 25.98 -1.32 -21.43
N PRO B 148 26.24 -1.47 -22.73
CA PRO B 148 25.14 -1.63 -23.68
C PRO B 148 24.69 -3.08 -23.77
N LEU B 149 23.50 -3.26 -24.37
CA LEU B 149 23.03 -4.59 -24.70
C LEU B 149 23.96 -5.23 -25.74
N ASP B 150 23.91 -6.56 -25.80
CA ASP B 150 24.65 -7.34 -26.81
C ASP B 150 23.80 -8.54 -27.19
N PRO B 151 22.68 -8.31 -27.87
CA PRO B 151 21.79 -9.45 -28.18
C PRO B 151 22.48 -10.54 -29.00
N LEU B 152 23.27 -10.16 -30.01
CA LEU B 152 23.89 -11.16 -30.87
C LEU B 152 24.81 -12.08 -30.10
N ASN B 153 25.41 -11.59 -29.02
CA ASN B 153 26.25 -12.42 -28.17
C ASN B 153 25.53 -12.89 -26.92
N GLY B 154 24.20 -12.86 -26.94
CA GLY B 154 23.38 -13.44 -25.89
C GLY B 154 22.92 -12.47 -24.82
N ALA B 155 23.53 -11.29 -24.73
CA ALA B 155 23.17 -10.32 -23.69
C ALA B 155 22.02 -9.46 -24.20
N TRP B 156 20.81 -10.01 -24.11
CA TRP B 156 19.61 -9.32 -24.57
C TRP B 156 18.91 -8.52 -23.47
N PHE B 157 19.47 -8.49 -22.26
CA PHE B 157 18.91 -7.66 -21.20
C PHE B 157 20.05 -7.15 -20.32
N ARG B 158 19.79 -6.04 -19.64
CA ARG B 158 20.66 -5.53 -18.60
C ARG B 158 19.82 -5.31 -17.35
N VAL B 159 20.35 -5.74 -16.21
CA VAL B 159 19.68 -5.55 -14.93
C VAL B 159 20.56 -4.65 -14.06
N GLU B 160 19.97 -3.61 -13.49
CA GLU B 160 20.66 -2.68 -12.61
C GLU B 160 19.83 -2.50 -11.36
N THR B 161 20.41 -2.85 -10.20
CA THR B 161 19.79 -2.54 -8.91
C THR B 161 20.39 -1.26 -8.35
N ASN B 162 21.34 -1.38 -7.42
CA ASN B 162 21.99 -0.22 -6.84
C ASN B 162 23.50 -0.45 -6.66
N TYR B 163 24.08 -1.33 -7.46
CA TYR B 163 25.48 -1.70 -7.29
C TYR B 163 26.16 -1.78 -8.64
N ASP B 164 27.48 -1.57 -8.64
CA ASP B 164 28.26 -1.65 -9.87
C ASP B 164 28.21 -3.07 -10.43
N HIS B 165 27.85 -3.18 -11.71
CA HIS B 165 27.62 -4.49 -12.31
C HIS B 165 28.89 -5.31 -12.44
N TRP B 166 30.05 -4.68 -12.46
CA TRP B 166 31.31 -5.40 -12.62
C TRP B 166 31.88 -5.90 -11.30
N LYS B 167 31.25 -5.61 -10.18
CA LYS B 167 31.62 -6.19 -8.90
C LYS B 167 30.49 -7.10 -8.41
N PRO B 168 30.77 -7.99 -7.48
CA PRO B 168 29.73 -8.90 -7.01
C PRO B 168 28.70 -8.18 -6.16
N ALA B 169 27.47 -8.67 -6.20
CA ALA B 169 26.37 -8.03 -5.51
C ALA B 169 26.39 -8.43 -4.02
N PRO B 170 26.11 -7.49 -3.11
CA PRO B 170 26.07 -7.87 -1.69
C PRO B 170 25.06 -8.99 -1.48
N LYS B 171 25.49 -10.02 -0.74
CA LYS B 171 24.59 -11.12 -0.45
C LYS B 171 23.44 -10.68 0.45
N GLU B 172 23.60 -9.57 1.17
CA GLU B 172 22.57 -9.11 2.08
C GLU B 172 21.39 -8.54 1.32
N ASP B 173 21.64 -7.94 0.13
CA ASP B 173 20.60 -7.31 -0.69
C ASP B 173 20.86 -7.72 -2.16
N ASP B 174 20.53 -8.97 -2.47
CA ASP B 174 20.82 -9.53 -3.80
C ASP B 174 19.52 -9.72 -4.57
N ARG B 175 19.04 -8.62 -5.15
CA ARG B 175 17.90 -8.67 -6.06
C ARG B 175 18.32 -8.85 -7.51
N ARG B 176 19.60 -8.63 -7.84
CA ARG B 176 20.04 -8.78 -9.22
C ARG B 176 19.86 -10.22 -9.68
N THR B 177 20.33 -11.18 -8.87
CA THR B 177 20.24 -12.58 -9.26
C THR B 177 18.79 -12.98 -9.55
N SER B 178 17.85 -12.56 -8.70
CA SER B 178 16.45 -12.93 -8.91
C SER B 178 15.92 -12.35 -10.22
N ALA B 179 16.32 -11.12 -10.56
CA ALA B 179 15.84 -10.53 -11.79
C ALA B 179 16.39 -11.27 -13.00
N ILE B 180 17.67 -11.65 -12.95
CA ILE B 180 18.28 -12.37 -14.06
C ILE B 180 17.69 -13.77 -14.16
N LYS B 181 17.54 -14.46 -13.03
CA LYS B 181 16.92 -15.78 -13.06
C LYS B 181 15.53 -15.71 -13.68
N ALA B 182 14.75 -14.70 -13.31
CA ALA B 182 13.42 -14.54 -13.89
C ALA B 182 13.51 -14.19 -15.38
N LEU B 183 14.47 -13.35 -15.75
CA LEU B 183 14.66 -13.05 -17.17
C LEU B 183 15.13 -14.27 -17.95
N ASN B 184 16.07 -15.02 -17.39
CA ASN B 184 16.55 -16.23 -18.04
C ASN B 184 15.41 -17.23 -18.25
N ALA B 185 14.49 -17.30 -17.29
CA ALA B 185 13.36 -18.22 -17.41
C ALA B 185 12.30 -17.71 -18.37
N THR B 186 12.10 -16.39 -18.45
CA THR B 186 11.12 -15.86 -19.39
C THR B 186 11.54 -16.13 -20.82
N GLY B 187 12.72 -15.67 -21.20
CA GLY B 187 13.21 -15.92 -22.53
C GLY B 187 12.94 -14.77 -23.48
N GLN B 188 13.83 -14.62 -24.47
CA GLN B 188 13.75 -13.50 -25.39
C GLN B 188 12.49 -13.56 -26.25
N ALA B 189 11.98 -14.76 -26.53
CA ALA B 189 10.80 -14.87 -27.40
C ALA B 189 9.53 -14.46 -26.66
N ASN B 190 9.44 -14.77 -25.36
CA ASN B 190 8.27 -14.43 -24.57
C ASN B 190 8.35 -13.03 -23.96
N LEU B 191 9.38 -12.26 -24.28
CA LEU B 191 9.53 -10.97 -23.62
C LEU B 191 8.44 -10.02 -24.07
N SER B 192 7.87 -9.32 -23.09
CA SER B 192 6.81 -8.35 -23.33
C SER B 192 6.73 -7.47 -22.08
N LEU B 193 5.93 -6.40 -22.18
CA LEU B 193 5.74 -5.55 -21.02
C LEU B 193 5.06 -6.31 -19.88
N GLU B 194 4.05 -7.11 -20.21
CA GLU B 194 3.42 -7.95 -19.20
C GLU B 194 4.44 -8.89 -18.57
N ALA B 195 5.24 -9.55 -19.40
CA ALA B 195 6.30 -10.41 -18.87
C ALA B 195 7.31 -9.62 -18.06
N LEU B 196 7.58 -8.37 -18.44
CA LEU B 196 8.50 -7.54 -17.67
C LEU B 196 7.90 -7.15 -16.33
N PHE B 197 6.58 -7.00 -16.28
CA PHE B 197 5.90 -6.75 -15.01
C PHE B 197 5.99 -7.96 -14.11
N GLN B 198 5.83 -9.17 -14.67
CA GLN B 198 5.95 -10.38 -13.86
C GLN B 198 7.35 -10.49 -13.26
N ILE B 199 8.39 -10.18 -14.03
CA ILE B 199 9.76 -10.23 -13.51
C ILE B 199 9.93 -9.25 -12.36
N LEU B 200 9.48 -8.01 -12.53
CA LEU B 200 9.55 -7.01 -11.48
C LEU B 200 8.58 -7.27 -10.34
N SER B 201 7.80 -8.34 -10.40
CA SER B 201 6.95 -8.76 -9.31
C SER B 201 7.57 -9.86 -8.46
N VAL B 202 8.77 -10.32 -8.83
CA VAL B 202 9.44 -11.38 -8.10
C VAL B 202 10.01 -10.85 -6.79
N VAL B 203 9.95 -11.68 -5.75
CA VAL B 203 10.55 -11.35 -4.46
C VAL B 203 11.97 -11.87 -4.45
N PRO B 204 12.96 -11.08 -4.02
CA PRO B 204 12.85 -9.74 -3.43
C PRO B 204 13.02 -8.54 -4.37
N VAL B 205 12.94 -8.77 -5.68
CA VAL B 205 12.93 -7.63 -6.60
C VAL B 205 11.77 -6.71 -6.27
N TYR B 206 10.61 -7.28 -5.94
CA TYR B 206 9.48 -6.55 -5.38
C TYR B 206 9.47 -6.83 -3.89
N ASN B 207 9.83 -5.82 -3.09
CA ASN B 207 10.09 -6.01 -1.66
C ASN B 207 9.19 -5.09 -0.84
N ASN B 208 9.44 -5.07 0.48
CA ASN B 208 8.61 -4.27 1.37
C ASN B 208 8.67 -2.78 1.05
N PHE B 209 9.78 -2.32 0.48
CA PHE B 209 9.97 -0.89 0.22
C PHE B 209 9.52 -0.48 -1.17
N THR B 210 9.07 -1.40 -2.01
CA THR B 210 8.66 -1.03 -3.35
C THR B 210 7.38 -0.19 -3.30
N ILE B 211 7.42 0.95 -3.97
CA ILE B 211 6.27 1.84 -4.04
C ILE B 211 5.50 1.65 -5.34
N TYR B 212 6.19 1.57 -6.48
CA TYR B 212 5.50 1.36 -7.73
C TYR B 212 6.41 0.67 -8.74
N THR B 213 5.75 0.04 -9.70
CA THR B 213 6.42 -0.62 -10.82
C THR B 213 5.93 0.05 -12.11
N THR B 214 6.89 0.49 -12.93
CA THR B 214 6.61 1.11 -14.21
C THR B 214 7.19 0.23 -15.31
N VAL B 215 6.41 -0.01 -16.36
CA VAL B 215 6.88 -0.71 -17.54
C VAL B 215 6.58 0.16 -18.76
N MET B 216 7.48 0.14 -19.75
CA MET B 216 7.35 1.05 -20.86
C MET B 216 8.20 0.57 -22.03
N SER B 217 7.85 1.05 -23.22
CA SER B 217 8.56 0.73 -24.45
C SER B 217 8.37 1.91 -25.39
N ALA B 218 9.44 2.69 -25.61
CA ALA B 218 9.32 3.90 -26.41
C ALA B 218 8.74 3.60 -27.80
N GLY B 219 9.04 2.42 -28.36
CA GLY B 219 8.50 2.05 -29.64
C GLY B 219 7.00 1.83 -29.63
N SER B 220 6.42 1.62 -28.45
CA SER B 220 4.98 1.49 -28.26
C SER B 220 4.58 2.40 -27.11
N PRO B 221 4.57 3.72 -27.34
CA PRO B 221 4.44 4.66 -26.21
C PRO B 221 3.10 4.59 -25.49
N ASP B 222 2.04 4.09 -26.12
CA ASP B 222 0.73 4.09 -25.48
C ASP B 222 0.59 3.08 -24.34
N LYS B 223 1.51 2.13 -24.21
CA LYS B 223 1.40 1.08 -23.20
C LYS B 223 2.07 1.44 -21.87
N TYR B 224 2.62 2.66 -21.76
CA TYR B 224 3.19 3.13 -20.50
C TYR B 224 2.25 2.84 -19.34
N MET B 225 2.78 2.19 -18.30
CA MET B 225 1.95 1.73 -17.19
C MET B 225 2.71 1.73 -15.89
N THR B 226 2.14 2.40 -14.90
CA THR B 226 2.63 2.42 -13.53
C THR B 226 1.58 1.77 -12.64
N ARG B 227 2.00 0.84 -11.80
CA ARG B 227 1.12 0.14 -10.90
C ARG B 227 1.63 0.36 -9.48
N ILE B 228 0.75 0.80 -8.60
CA ILE B 228 1.11 1.06 -7.21
C ILE B 228 1.00 -0.24 -6.43
N ARG B 229 1.96 -0.46 -5.54
CA ARG B 229 2.14 -1.77 -4.90
C ARG B 229 1.56 -1.79 -3.51
N ASN B 230 0.81 -2.88 -3.21
CA ASN B 230 0.14 -3.16 -1.94
C ASN B 230 -0.25 -1.92 -1.16
N PRO B 231 -1.09 -1.03 -1.74
CA PRO B 231 -1.51 0.17 -1.02
C PRO B 231 -2.24 -0.15 0.29
N SER C 11 -2.10 41.49 41.70
CA SER C 11 -1.90 40.50 40.63
C SER C 11 -2.82 39.30 40.85
N PRO C 12 -3.04 38.52 39.79
CA PRO C 12 -3.94 37.36 39.90
C PRO C 12 -3.35 36.31 40.82
N PRO C 13 -4.16 35.41 41.36
CA PRO C 13 -3.64 34.41 42.30
C PRO C 13 -2.80 33.34 41.61
N ALA C 14 -1.67 33.00 42.22
CA ALA C 14 -0.89 31.87 41.74
C ALA C 14 -1.60 30.57 42.11
N ALA C 15 -1.61 29.61 41.19
CA ALA C 15 -2.28 28.35 41.46
C ALA C 15 -1.59 27.63 42.62
N PRO C 16 -2.33 26.94 43.48
CA PRO C 16 -1.68 26.15 44.54
C PRO C 16 -0.70 25.16 43.95
N ARG C 17 0.39 24.94 44.68
CA ARG C 17 1.46 24.06 44.24
C ARG C 17 1.45 22.81 45.11
N PHE C 18 1.58 21.64 44.48
CA PHE C 18 1.60 20.39 45.23
C PHE C 18 2.68 19.48 44.69
N ASN C 19 2.98 18.44 45.48
CA ASN C 19 3.94 17.41 45.12
C ASN C 19 3.19 16.09 44.95
N VAL C 20 3.64 15.27 43.99
CA VAL C 20 3.13 13.93 43.81
C VAL C 20 4.33 13.00 43.65
N SER C 21 4.45 12.04 44.57
CA SER C 21 5.60 11.13 44.57
C SER C 21 5.28 9.93 43.69
N LEU C 22 6.02 9.78 42.60
CA LEU C 22 5.85 8.62 41.74
C LEU C 22 6.39 7.34 42.35
N ASP C 23 6.99 7.41 43.54
CA ASP C 23 7.40 6.21 44.26
C ASP C 23 6.23 5.53 44.98
N SER C 24 5.17 6.29 45.32
CA SER C 24 3.98 5.69 45.89
C SER C 24 3.17 4.95 44.82
N VAL C 25 2.38 3.98 45.27
CA VAL C 25 1.56 3.18 44.37
C VAL C 25 0.58 4.11 43.68
N PRO C 26 0.20 3.85 42.41
CA PRO C 26 -0.70 4.78 41.72
C PRO C 26 -1.98 5.08 42.48
N GLU C 27 -2.57 4.08 43.14
CA GLU C 27 -3.86 4.29 43.78
C GLU C 27 -3.77 5.26 44.95
N LEU C 28 -2.57 5.54 45.45
CA LEU C 28 -2.39 6.44 46.58
C LEU C 28 -1.63 7.71 46.22
N ARG C 29 -1.21 7.86 44.96
CA ARG C 29 -0.33 8.97 44.60
C ARG C 29 -0.97 10.32 44.88
N TRP C 30 -2.24 10.47 44.53
CA TRP C 30 -2.90 11.77 44.58
C TRP C 30 -3.56 12.07 45.92
N LEU C 31 -3.72 11.07 46.78
CA LEU C 31 -4.47 11.31 48.02
C LEU C 31 -3.87 12.42 48.87
N PRO C 32 -2.55 12.51 49.05
CA PRO C 32 -2.01 13.67 49.78
C PRO C 32 -2.45 15.00 49.19
N VAL C 33 -2.66 15.06 47.89
CA VAL C 33 -3.11 16.30 47.26
C VAL C 33 -4.61 16.44 47.39
N LEU C 34 -5.35 15.37 47.10
CA LEU C 34 -6.79 15.43 47.14
C LEU C 34 -7.30 15.76 48.53
N ARG C 35 -6.56 15.37 49.58
CA ARG C 35 -7.05 15.64 50.92
C ARG C 35 -7.13 17.13 51.24
N HIS C 36 -6.40 17.98 50.50
CA HIS C 36 -6.46 19.42 50.72
C HIS C 36 -7.73 20.04 50.17
N TYR C 37 -8.67 19.25 49.69
CA TYR C 37 -9.85 19.74 49.01
C TYR C 37 -11.12 19.22 49.67
N ASP C 38 -12.16 20.04 49.60
CA ASP C 38 -13.50 19.65 50.04
C ASP C 38 -14.06 18.71 48.98
N LEU C 39 -14.06 17.41 49.28
CA LEU C 39 -14.48 16.44 48.28
C LEU C 39 -15.88 16.73 47.77
N ASP C 40 -16.71 17.41 48.58
CA ASP C 40 -18.03 17.81 48.11
C ASP C 40 -17.93 18.74 46.89
N LEU C 41 -17.00 19.70 46.95
CA LEU C 41 -16.83 20.63 45.84
C LEU C 41 -16.26 19.93 44.62
N VAL C 42 -15.38 18.94 44.84
CA VAL C 42 -14.83 18.17 43.73
C VAL C 42 -15.92 17.33 43.08
N ARG C 43 -16.70 16.63 43.89
CA ARG C 43 -17.79 15.81 43.35
C ARG C 43 -18.75 16.66 42.52
N ALA C 44 -19.00 17.90 42.98
CA ALA C 44 -19.97 18.76 42.31
C ALA C 44 -19.46 19.22 40.96
N ALA C 45 -18.18 19.57 40.86
CA ALA C 45 -17.65 20.05 39.59
C ALA C 45 -17.63 18.93 38.56
N MET C 46 -17.37 17.69 38.99
CA MET C 46 -17.45 16.57 38.06
C MET C 46 -18.89 16.37 37.60
N ALA C 47 -19.84 16.42 38.53
CA ALA C 47 -21.24 16.27 38.18
C ALA C 47 -21.73 17.41 37.29
N GLN C 48 -21.20 18.61 37.48
CA GLN C 48 -21.67 19.75 36.69
C GLN C 48 -21.22 19.61 35.25
N VAL C 49 -19.97 19.21 35.05
CA VAL C 49 -19.43 19.06 33.70
C VAL C 49 -20.03 17.84 33.01
N ILE C 50 -20.21 16.74 33.74
CA ILE C 50 -20.78 15.53 33.14
C ILE C 50 -22.23 15.76 32.74
N GLY C 51 -23.07 16.16 33.70
CA GLY C 51 -24.48 16.31 33.42
C GLY C 51 -24.79 17.33 32.35
N ASP C 52 -23.98 18.37 32.25
CA ASP C 52 -24.20 19.45 31.29
C ASP C 52 -23.53 19.20 29.95
N ARG C 53 -23.02 17.99 29.71
CA ARG C 53 -22.26 17.72 28.50
C ARG C 53 -22.46 16.29 27.99
N VAL C 54 -22.51 15.32 28.91
CA VAL C 54 -22.47 13.91 28.53
C VAL C 54 -23.85 13.49 28.01
N PRO C 55 -23.93 12.84 26.85
CA PRO C 55 -25.18 12.19 26.47
C PRO C 55 -25.39 10.92 27.30
N LYS C 56 -26.66 10.60 27.54
CA LYS C 56 -27.00 9.52 28.47
C LYS C 56 -26.45 8.18 28.00
N TRP C 57 -26.50 7.90 26.70
CA TRP C 57 -26.11 6.58 26.23
C TRP C 57 -24.62 6.33 26.44
N VAL C 58 -23.80 7.39 26.47
CA VAL C 58 -22.38 7.23 26.72
C VAL C 58 -22.15 6.75 28.15
N HIS C 59 -22.96 7.25 29.09
CA HIS C 59 -22.85 6.80 30.47
C HIS C 59 -23.02 5.30 30.56
N VAL C 60 -24.03 4.77 29.88
CA VAL C 60 -24.27 3.33 29.90
C VAL C 60 -23.10 2.59 29.26
N LEU C 61 -22.67 3.04 28.07
CA LEU C 61 -21.60 2.34 27.37
C LEU C 61 -20.32 2.34 28.19
N ILE C 62 -19.88 3.50 28.65
CA ILE C 62 -18.61 3.56 29.36
C ILE C 62 -18.68 2.75 30.65
N GLY C 63 -19.84 2.76 31.31
CA GLY C 63 -20.00 1.94 32.50
C GLY C 63 -19.91 0.47 32.20
N LYS C 64 -20.52 0.03 31.09
CA LYS C 64 -20.39 -1.36 30.67
C LYS C 64 -18.95 -1.72 30.32
N VAL C 65 -18.20 -0.78 29.73
CA VAL C 65 -16.87 -1.10 29.23
C VAL C 65 -15.82 -0.90 30.32
N VAL C 66 -16.23 -0.51 31.53
CA VAL C 66 -15.29 -0.31 32.62
C VAL C 66 -14.38 -1.50 32.82
N LEU C 67 -14.95 -2.72 32.74
CA LEU C 67 -14.16 -3.93 32.98
C LEU C 67 -13.10 -4.12 31.91
N GLU C 68 -13.27 -3.48 30.75
CA GLU C 68 -12.25 -3.55 29.71
C GLU C 68 -11.31 -2.34 29.74
N LEU C 69 -11.87 -1.12 29.74
CA LEU C 69 -11.02 0.09 29.66
C LEU C 69 -9.99 0.15 30.79
N GLU C 70 -10.34 -0.36 31.97
CA GLU C 70 -9.34 -0.39 33.04
C GLU C 70 -8.15 -1.26 32.68
N ARG C 71 -8.35 -2.30 31.88
CA ARG C 71 -7.27 -3.24 31.64
C ARG C 71 -6.33 -2.87 30.51
N PHE C 72 -6.86 -2.47 29.38
CA PHE C 72 -6.01 -2.12 28.26
C PHE C 72 -5.54 -0.67 28.33
N LEU C 73 -6.21 0.19 29.11
CA LEU C 73 -5.59 1.52 29.30
C LEU C 73 -4.38 1.43 30.26
N PRO C 74 -3.29 2.14 29.95
CA PRO C 74 -2.00 1.85 30.61
C PRO C 74 -1.99 2.40 32.02
N GLN C 75 -1.58 1.55 32.96
CA GLN C 75 -1.19 2.05 34.27
C GLN C 75 -0.02 3.01 34.07
N PRO C 76 0.22 3.91 35.02
CA PRO C 76 -0.49 4.12 36.28
C PRO C 76 -1.71 5.02 36.18
N PHE C 77 -2.06 5.42 34.95
CA PHE C 77 -3.16 6.35 34.78
C PHE C 77 -4.49 5.79 35.30
N THR C 78 -4.74 4.50 35.07
CA THR C 78 -5.99 3.93 35.56
C THR C 78 -5.97 3.78 37.08
N GLY C 79 -4.83 3.35 37.64
CA GLY C 79 -4.76 3.18 39.08
C GLY C 79 -4.82 4.50 39.83
N GLU C 80 -4.22 5.54 39.26
CA GLU C 80 -4.31 6.85 39.89
C GLU C 80 -5.75 7.33 39.92
N ILE C 81 -6.48 7.16 38.82
CA ILE C 81 -7.87 7.58 38.78
C ILE C 81 -8.69 6.80 39.79
N ARG C 82 -8.52 5.47 39.82
CA ARG C 82 -9.26 4.64 40.76
C ARG C 82 -8.97 5.02 42.20
N GLY C 83 -7.75 5.48 42.49
CA GLY C 83 -7.44 5.86 43.86
C GLY C 83 -8.22 7.08 44.31
N MET C 84 -8.26 8.11 43.47
CA MET C 84 -9.03 9.30 43.79
C MET C 84 -10.52 9.02 43.73
N CYS C 85 -10.93 8.10 42.87
CA CYS C 85 -12.35 7.81 42.72
C CYS C 85 -12.91 7.14 43.96
N ASP C 86 -12.28 6.06 44.41
CA ASP C 86 -12.71 5.41 45.64
C ASP C 86 -12.62 6.37 46.82
N PHE C 87 -11.53 7.15 46.89
CA PHE C 87 -11.38 8.11 47.98
C PHE C 87 -12.56 9.05 48.04
N MET C 88 -13.13 9.40 46.90
CA MET C 88 -14.29 10.28 46.85
C MET C 88 -15.62 9.53 46.90
N ASN C 89 -15.58 8.19 46.97
CA ASN C 89 -16.79 7.39 47.01
C ASN C 89 -17.64 7.65 45.76
N LEU C 90 -16.97 7.65 44.61
CA LEU C 90 -17.61 7.82 43.32
C LEU C 90 -17.49 6.53 42.52
N SER C 91 -18.24 6.50 41.40
CA SER C 91 -18.23 5.36 40.50
C SER C 91 -17.10 5.53 39.48
N LEU C 92 -16.27 4.50 39.33
CA LEU C 92 -15.11 4.59 38.46
C LEU C 92 -15.50 5.02 37.05
N ALA C 93 -16.67 4.60 36.57
CA ALA C 93 -17.09 4.99 35.22
C ALA C 93 -17.13 6.51 35.06
N ASP C 94 -17.49 7.23 36.12
CA ASP C 94 -17.56 8.69 36.03
C ASP C 94 -16.17 9.31 36.06
N CYS C 95 -15.27 8.77 36.87
CA CYS C 95 -13.91 9.29 36.94
C CYS C 95 -13.17 9.08 35.63
N LEU C 96 -13.36 7.91 35.00
CA LEU C 96 -12.76 7.66 33.70
C LEU C 96 -13.33 8.55 32.61
N LEU C 97 -14.62 8.89 32.72
CA LEU C 97 -15.24 9.76 31.71
C LEU C 97 -14.70 11.18 31.81
N VAL C 98 -14.45 11.66 33.03
CA VAL C 98 -13.86 12.98 33.18
C VAL C 98 -12.45 13.00 32.63
N ASN C 99 -11.66 11.96 32.93
CA ASN C 99 -10.29 11.90 32.45
C ASN C 99 -10.22 11.63 30.95
N LEU C 100 -11.25 11.03 30.38
CA LEU C 100 -11.34 10.86 28.93
C LEU C 100 -12.28 11.89 28.30
N ALA C 101 -12.46 13.02 28.97
CA ALA C 101 -13.39 14.04 28.48
C ALA C 101 -13.01 14.50 27.07
N TYR C 102 -11.71 14.70 26.83
CA TYR C 102 -11.27 15.14 25.52
C TYR C 102 -11.53 14.08 24.46
N GLU C 103 -11.31 12.82 24.81
CA GLU C 103 -11.48 11.74 23.84
C GLU C 103 -12.96 11.50 23.54
N SER C 104 -13.83 11.68 24.53
CA SER C 104 -15.25 11.47 24.29
C SER C 104 -15.79 12.48 23.29
N SER C 105 -15.20 13.66 23.22
CA SER C 105 -15.50 14.74 22.28
C SER C 105 -16.79 15.46 22.65
N VAL C 106 -17.58 14.98 23.61
CA VAL C 106 -18.83 15.65 23.97
C VAL C 106 -18.64 16.74 25.01
N PHE C 107 -17.42 16.93 25.52
CA PHE C 107 -17.16 17.91 26.57
C PHE C 107 -16.70 19.25 25.99
N CYS D 1 -8.31 27.72 23.48
CA CYS D 1 -6.99 27.78 24.09
C CYS D 1 -6.01 28.57 23.22
N THR D 2 -4.89 28.99 23.81
CA THR D 2 -3.86 29.71 23.08
C THR D 2 -2.50 29.33 23.64
N SER D 3 -1.59 28.91 22.77
CA SER D 3 -0.24 28.54 23.16
C SER D 3 0.76 29.29 22.30
N ILE D 4 1.82 29.79 22.94
CA ILE D 4 2.84 30.60 22.28
C ILE D 4 4.20 30.05 22.65
N VAL D 5 5.05 29.85 21.65
CA VAL D 5 6.45 29.51 21.86
C VAL D 5 7.28 30.53 21.09
N ALA D 6 8.31 31.07 21.75
CA ALA D 6 9.07 32.18 21.18
C ALA D 6 10.50 32.11 21.65
N GLN D 7 11.36 32.87 20.96
CA GLN D 7 12.78 32.95 21.26
C GLN D 7 13.20 34.41 21.31
N ASP D 8 14.01 34.76 22.31
CA ASP D 8 14.43 36.14 22.48
C ASP D 8 15.71 36.42 21.69
N SER D 9 16.20 37.66 21.79
CA SER D 9 17.39 38.08 21.07
C SER D 9 18.66 37.41 21.56
N ARG D 10 18.61 36.80 22.77
CA ARG D 10 19.78 36.17 23.36
C ARG D 10 19.74 34.65 23.23
N GLY D 11 18.78 34.10 22.50
CA GLY D 11 18.75 32.68 22.23
C GLY D 11 17.99 31.84 23.23
N HIS D 12 17.26 32.46 24.15
CA HIS D 12 16.49 31.74 25.15
C HIS D 12 15.09 31.42 24.61
N ILE D 13 14.55 30.29 25.04
CA ILE D 13 13.23 29.82 24.59
C ILE D 13 12.23 30.06 25.70
N TYR D 14 11.11 30.71 25.38
CA TYR D 14 10.02 30.94 26.32
C TYR D 14 8.74 30.31 25.78
N HIS D 15 7.86 29.93 26.71
CA HIS D 15 6.65 29.18 26.37
C HIS D 15 5.52 29.63 27.30
N GLY D 16 4.38 29.97 26.72
CA GLY D 16 3.23 30.37 27.50
C GLY D 16 1.95 29.88 26.86
N ARG D 17 0.92 29.76 27.68
CA ARG D 17 -0.34 29.21 27.19
C ARG D 17 -1.50 29.65 28.06
N ASN D 18 -2.66 29.80 27.43
CA ASN D 18 -3.93 29.97 28.10
C ASN D 18 -4.76 28.72 27.86
N LEU D 19 -5.35 28.18 28.93
CA LEU D 19 -6.26 27.05 28.81
C LEU D 19 -7.68 27.58 28.99
N ASP D 20 -8.42 27.63 27.89
CA ASP D 20 -9.79 28.13 27.88
C ASP D 20 -10.76 26.97 27.89
N TYR D 21 -11.76 27.06 28.76
CA TYR D 21 -12.78 26.02 28.87
C TYR D 21 -13.93 26.62 29.65
N PRO D 22 -15.18 26.28 29.34
CA PRO D 22 -16.29 26.73 30.19
C PRO D 22 -16.21 26.13 31.60
N PHE D 23 -17.21 26.42 32.42
CA PHE D 23 -17.27 25.94 33.80
C PHE D 23 -16.12 26.48 34.64
N GLY D 24 -15.67 27.70 34.36
CA GLY D 24 -14.53 28.23 35.09
C GLY D 24 -14.88 28.46 36.55
N ASN D 25 -16.10 28.94 36.82
CA ASN D 25 -16.50 29.23 38.18
C ASN D 25 -16.37 28.01 39.08
N VAL D 26 -16.32 26.80 38.51
CA VAL D 26 -16.17 25.58 39.29
C VAL D 26 -14.77 24.98 39.11
N LEU D 27 -14.19 25.09 37.92
CA LEU D 27 -12.89 24.47 37.68
C LEU D 27 -11.72 25.31 38.20
N ARG D 28 -11.79 26.63 38.03
CA ARG D 28 -10.69 27.50 38.44
CA ARG D 28 -10.67 27.49 38.43
C ARG D 28 -10.17 27.11 39.81
N LYS D 29 -11.08 26.87 40.76
CA LYS D 29 -10.70 26.48 42.11
C LYS D 29 -9.84 25.23 42.13
N LEU D 30 -9.92 24.40 41.09
CA LEU D 30 -9.26 23.11 41.03
C LEU D 30 -7.95 23.14 40.27
N THR D 31 -7.52 24.31 39.78
CA THR D 31 -6.25 24.39 39.09
C THR D 31 -5.11 24.19 40.08
N VAL D 32 -4.12 23.38 39.70
CA VAL D 32 -2.97 23.12 40.55
C VAL D 32 -1.72 22.97 39.70
N ASP D 33 -0.59 23.38 40.27
CA ASP D 33 0.73 23.01 39.76
C ASP D 33 1.21 21.80 40.54
N VAL D 34 1.58 20.74 39.83
CA VAL D 34 1.98 19.48 40.45
C VAL D 34 3.41 19.17 40.03
N GLN D 35 4.28 18.99 41.03
CA GLN D 35 5.63 18.53 40.82
C GLN D 35 5.67 17.02 41.06
N PHE D 36 5.94 16.26 40.00
CA PHE D 36 5.99 14.82 40.09
C PHE D 36 7.41 14.40 40.44
N LEU D 37 7.57 13.74 41.59
CA LEU D 37 8.88 13.46 42.15
C LEU D 37 9.30 12.03 41.85
N LYS D 38 10.53 11.88 41.40
CA LYS D 38 11.18 10.59 41.24
C LYS D 38 12.35 10.57 42.21
N ASN D 39 12.26 9.73 43.24
CA ASN D 39 13.32 9.60 44.24
C ASN D 39 13.59 10.94 44.92
N GLY D 40 12.51 11.62 45.32
CA GLY D 40 12.66 12.85 46.05
C GLY D 40 13.05 14.04 45.20
N GLN D 41 13.29 13.85 43.91
CA GLN D 41 13.69 14.95 43.05
C GLN D 41 12.58 15.25 42.05
N ILE D 42 12.46 16.54 41.71
CA ILE D 42 11.43 17.00 40.78
C ILE D 42 11.75 16.42 39.41
N ALA D 43 10.98 15.42 38.98
CA ALA D 43 11.17 14.87 37.65
C ALA D 43 10.58 15.78 36.57
N PHE D 44 9.40 16.33 36.82
CA PHE D 44 8.76 17.25 35.88
C PHE D 44 7.57 17.90 36.58
N THR D 45 7.20 19.07 36.07
CA THR D 45 6.09 19.86 36.59
C THR D 45 4.96 19.88 35.57
N GLY D 46 3.73 19.92 36.07
CA GLY D 46 2.56 19.98 35.21
C GLY D 46 1.45 20.75 35.89
N THR D 47 0.49 21.19 35.07
CA THR D 47 -0.70 21.88 35.56
C THR D 47 -1.94 21.12 35.12
N THR D 48 -2.85 20.86 36.05
CA THR D 48 -4.07 20.12 35.73
C THR D 48 -5.17 20.59 36.67
N PHE D 49 -6.32 19.93 36.60
CA PHE D 49 -7.40 20.10 37.56
C PHE D 49 -7.44 18.85 38.43
N ILE D 50 -7.49 19.05 39.76
CA ILE D 50 -7.45 17.91 40.67
C ILE D 50 -8.56 16.95 40.29
N GLY D 51 -8.19 15.67 40.14
CA GLY D 51 -9.08 14.66 39.61
C GLY D 51 -8.78 14.30 38.18
N TYR D 52 -7.94 15.09 37.49
CA TYR D 52 -7.56 14.84 36.12
C TYR D 52 -6.07 14.51 36.10
N VAL D 53 -5.74 13.28 35.69
CA VAL D 53 -4.36 12.80 35.78
C VAL D 53 -3.51 13.21 34.58
N GLY D 54 -4.12 13.59 33.47
CA GLY D 54 -3.35 14.03 32.33
C GLY D 54 -2.89 15.46 32.48
N LEU D 55 -1.81 15.78 31.78
CA LEU D 55 -1.23 17.12 31.81
C LEU D 55 -1.40 17.75 30.44
N TRP D 56 -2.11 18.88 30.39
CA TRP D 56 -2.16 19.72 29.21
C TRP D 56 -1.08 20.80 29.22
N THR D 57 -0.32 20.92 30.31
CA THR D 57 0.73 21.92 30.43
C THR D 57 1.81 21.33 31.32
N GLY D 58 3.06 21.40 30.88
CA GLY D 58 4.10 20.74 31.64
C GLY D 58 5.50 21.20 31.27
N GLN D 59 6.44 20.77 32.10
CA GLN D 59 7.84 21.16 31.97
C GLN D 59 8.72 20.01 32.41
N SER D 60 9.73 19.69 31.60
CA SER D 60 10.80 18.80 32.02
C SER D 60 12.02 19.66 32.29
N PRO D 61 12.56 19.67 33.51
CA PRO D 61 13.62 20.65 33.83
C PRO D 61 14.81 20.51 32.89
N HIS D 62 15.21 21.63 32.30
CA HIS D 62 16.39 21.71 31.45
C HIS D 62 16.30 20.75 30.27
N LYS D 63 15.08 20.42 29.85
CA LYS D 63 14.88 19.56 28.69
C LYS D 63 13.88 20.17 27.72
N PHE D 64 12.62 20.32 28.15
CA PHE D 64 11.61 20.85 27.26
C PHE D 64 10.34 21.16 28.05
N THR D 65 9.50 22.00 27.46
CA THR D 65 8.17 22.33 27.96
C THR D 65 7.14 21.96 26.89
N VAL D 66 5.96 21.56 27.35
CA VAL D 66 4.90 21.09 26.45
C VAL D 66 3.58 21.72 26.85
N SER D 67 2.77 22.03 25.85
CA SER D 67 1.37 22.40 26.06
C SER D 67 0.57 21.88 24.87
N GLY D 68 -0.67 21.49 25.14
CA GLY D 68 -1.53 20.93 24.11
C GLY D 68 -2.83 21.70 23.97
N ASP D 69 -3.21 21.99 22.73
CA ASP D 69 -4.44 22.71 22.42
C ASP D 69 -5.39 21.80 21.66
N GLU D 70 -6.67 22.12 21.70
CA GLU D 70 -7.67 21.28 21.08
C GLU D 70 -7.63 21.42 19.56
N ARG D 71 -7.77 20.27 18.87
CA ARG D 71 -7.94 20.24 17.43
C ARG D 71 -9.19 19.44 17.14
N ASP D 72 -10.24 20.12 16.68
CA ASP D 72 -11.52 19.48 16.41
C ASP D 72 -11.49 19.00 14.95
N LYS D 73 -11.21 17.72 14.76
CA LYS D 73 -11.16 17.14 13.43
C LYS D 73 -11.47 15.67 13.52
N GLY D 74 -12.38 15.20 12.68
CA GLY D 74 -12.81 13.81 12.70
C GLY D 74 -14.14 13.65 13.38
N TRP D 75 -14.64 12.41 13.34
CA TRP D 75 -15.94 12.07 13.89
C TRP D 75 -15.77 11.25 15.15
N TRP D 76 -16.84 11.19 15.95
CA TRP D 76 -16.75 10.54 17.25
C TRP D 76 -16.31 9.09 17.10
N TRP D 77 -16.79 8.40 16.05
CA TRP D 77 -16.46 6.99 15.86
C TRP D 77 -15.00 6.78 15.51
N GLU D 78 -14.29 7.84 15.08
CA GLU D 78 -12.85 7.72 14.89
C GLU D 78 -12.14 7.60 16.23
N ASN D 79 -12.54 8.42 17.21
CA ASN D 79 -11.99 8.30 18.55
C ASN D 79 -12.37 6.96 19.18
N ALA D 80 -13.61 6.52 18.96
CA ALA D 80 -14.06 5.26 19.55
C ALA D 80 -13.28 4.07 19.00
N ILE D 81 -13.07 4.04 17.69
CA ILE D 81 -12.33 2.95 17.07
C ILE D 81 -10.87 2.98 17.48
N ALA D 82 -10.26 4.17 17.45
CA ALA D 82 -8.85 4.28 17.82
C ALA D 82 -8.61 3.86 19.26
N ALA D 83 -9.60 4.06 20.13
CA ALA D 83 -9.41 3.76 21.55
C ALA D 83 -9.66 2.30 21.86
N LEU D 84 -10.74 1.72 21.32
CA LEU D 84 -11.14 0.37 21.70
C LEU D 84 -10.29 -0.67 20.98
N PHE D 85 -10.17 -0.57 19.65
CA PHE D 85 -9.57 -1.64 18.85
C PHE D 85 -8.13 -1.37 18.46
N ARG D 86 -7.77 -0.13 18.15
CA ARG D 86 -6.40 0.17 17.75
C ARG D 86 -5.49 0.51 18.93
N ARG D 87 -6.06 0.64 20.13
CA ARG D 87 -5.27 0.80 21.35
C ARG D 87 -4.38 2.04 21.29
N HIS D 88 -4.91 3.12 20.73
CA HIS D 88 -4.23 4.40 20.81
C HIS D 88 -4.42 4.99 22.21
N ILE D 89 -3.56 5.95 22.55
CA ILE D 89 -3.55 6.46 23.91
C ILE D 89 -4.13 7.87 23.98
N PRO D 90 -4.58 8.32 25.15
CA PRO D 90 -5.17 9.66 25.25
C PRO D 90 -4.17 10.78 25.00
N VAL D 91 -4.73 11.93 24.62
CA VAL D 91 -3.91 13.06 24.19
C VAL D 91 -3.12 13.65 25.36
N SER D 92 -3.80 13.86 26.49
CA SER D 92 -3.14 14.46 27.64
C SER D 92 -2.25 13.47 28.40
N TRP D 93 -2.44 12.16 28.20
CA TRP D 93 -1.58 11.20 28.86
C TRP D 93 -0.23 11.08 28.15
N LEU D 94 -0.20 11.27 26.83
CA LEU D 94 1.08 11.25 26.12
C LEU D 94 1.95 12.44 26.53
N ILE D 95 1.34 13.61 26.70
CA ILE D 95 2.10 14.77 27.18
C ILE D 95 2.82 14.42 28.48
N ARG D 96 2.12 13.73 29.39
CA ARG D 96 2.72 13.40 30.68
C ARG D 96 3.78 12.31 30.53
N ALA D 97 3.52 11.30 29.70
CA ALA D 97 4.52 10.27 29.45
C ALA D 97 5.77 10.87 28.83
N THR D 98 5.60 11.85 27.95
CA THR D 98 6.76 12.49 27.34
C THR D 98 7.56 13.28 28.37
N LEU D 99 6.86 14.01 29.24
CA LEU D 99 7.55 14.79 30.27
C LEU D 99 8.36 13.89 31.19
N SER D 100 7.93 12.64 31.36
CA SER D 100 8.60 11.73 32.29
C SER D 100 9.74 10.96 31.63
N GLU D 101 9.62 10.59 30.36
CA GLU D 101 10.51 9.63 29.74
C GLU D 101 11.53 10.27 28.80
N SER D 102 11.09 11.17 27.92
CA SER D 102 11.97 11.69 26.87
C SER D 102 13.22 12.32 27.47
N GLU D 103 14.37 12.03 26.84
CA GLU D 103 15.67 12.44 27.38
C GLU D 103 16.04 13.87 27.02
N ASN D 104 15.48 14.42 25.93
CA ASN D 104 15.84 15.75 25.48
C ASN D 104 14.71 16.30 24.63
N PHE D 105 14.91 17.52 24.12
CA PHE D 105 13.87 18.19 23.35
C PHE D 105 13.50 17.41 22.09
N GLU D 106 14.48 17.11 21.25
CA GLU D 106 14.18 16.43 19.99
C GLU D 106 13.55 15.05 20.23
N ALA D 107 13.97 14.35 21.29
CA ALA D 107 13.38 13.04 21.57
C ALA D 107 11.90 13.20 21.91
N ALA D 108 11.57 14.29 22.61
CA ALA D 108 10.17 14.56 22.95
C ALA D 108 9.37 14.92 21.71
N VAL D 109 9.92 15.76 20.83
CA VAL D 109 9.19 16.14 19.62
C VAL D 109 8.81 14.91 18.82
N GLY D 110 9.69 13.91 18.78
CA GLY D 110 9.37 12.69 18.07
C GLY D 110 8.32 11.85 18.77
N LYS D 111 8.42 11.73 20.10
CA LYS D 111 7.43 10.96 20.85
C LYS D 111 6.04 11.57 20.68
N LEU D 112 5.94 12.89 20.78
CA LEU D 112 4.63 13.54 20.67
C LEU D 112 4.11 13.51 19.24
N ALA D 113 5.01 13.53 18.25
CA ALA D 113 4.60 13.61 16.86
C ALA D 113 4.20 12.26 16.29
N LYS D 114 4.72 11.16 16.85
CA LYS D 114 4.56 9.86 16.21
C LYS D 114 3.67 8.89 16.98
N THR D 115 3.52 9.05 18.29
CA THR D 115 2.72 8.10 19.06
C THR D 115 1.26 8.19 18.62
N PRO D 116 0.60 7.06 18.35
CA PRO D 116 -0.80 7.13 17.92
C PRO D 116 -1.69 7.70 19.01
N LEU D 117 -2.65 8.52 18.61
CA LEU D 117 -3.52 9.22 19.54
C LEU D 117 -4.98 8.86 19.26
N ILE D 118 -5.80 8.95 20.31
CA ILE D 118 -7.23 8.70 20.15
C ILE D 118 -7.91 9.86 19.44
N ALA D 119 -7.39 11.07 19.59
CA ALA D 119 -7.99 12.24 18.99
C ALA D 119 -6.88 13.16 18.49
N ASP D 120 -7.28 14.15 17.69
CA ASP D 120 -6.32 15.13 17.20
C ASP D 120 -5.99 16.15 18.29
N VAL D 121 -4.92 16.90 18.07
CA VAL D 121 -4.46 17.87 19.06
C VAL D 121 -3.38 18.72 18.41
N TYR D 122 -3.12 19.88 19.00
CA TYR D 122 -1.94 20.69 18.70
C TYR D 122 -0.99 20.58 19.89
N TYR D 123 0.18 20.00 19.67
CA TYR D 123 1.24 19.96 20.67
C TYR D 123 2.22 21.07 20.38
N ILE D 124 2.47 21.92 21.37
CA ILE D 124 3.49 22.97 21.27
C ILE D 124 4.62 22.58 22.21
N VAL D 125 5.83 22.50 21.67
CA VAL D 125 6.99 22.05 22.43
C VAL D 125 8.08 23.10 22.34
N GLY D 126 8.67 23.44 23.49
CA GLY D 126 9.79 24.36 23.54
C GLY D 126 10.96 23.70 24.23
N GLY D 127 12.17 24.07 23.79
CA GLY D 127 13.35 23.45 24.34
C GLY D 127 14.21 24.40 25.15
N THR D 128 15.52 24.25 25.01
CA THR D 128 16.49 25.05 25.74
C THR D 128 17.46 25.79 24.83
N SER D 129 17.89 25.15 23.76
CA SER D 129 18.84 25.76 22.84
C SER D 129 18.11 26.67 21.87
N PRO D 130 18.84 27.54 21.17
CA PRO D 130 18.19 28.38 20.16
C PRO D 130 17.53 27.50 19.11
N ARG D 131 16.46 28.02 18.51
CA ARG D 131 15.69 27.39 17.45
C ARG D 131 14.77 26.28 17.99
N GLU D 132 14.88 25.89 19.26
CA GLU D 132 14.15 24.74 19.78
C GLU D 132 12.73 25.18 20.18
N GLY D 133 11.89 25.33 19.17
CA GLY D 133 10.48 25.60 19.36
C GLY D 133 9.66 25.14 18.17
N VAL D 134 8.57 24.41 18.41
CA VAL D 134 7.85 23.77 17.33
C VAL D 134 6.37 23.62 17.69
N VAL D 135 5.52 23.68 16.68
CA VAL D 135 4.09 23.39 16.80
C VAL D 135 3.81 22.10 16.05
N ILE D 136 3.36 21.08 16.76
CA ILE D 136 3.05 19.78 16.17
C ILE D 136 1.55 19.70 16.00
N THR D 137 1.07 19.85 14.77
CA THR D 137 -0.33 19.58 14.45
C THR D 137 -0.48 18.08 14.22
N ARG D 138 -1.28 17.42 15.07
CA ARG D 138 -1.32 15.97 15.12
C ARG D 138 -2.57 15.43 14.43
N ASN D 139 -2.38 14.31 13.75
CA ASN D 139 -3.46 13.40 13.39
C ASN D 139 -3.40 12.20 14.33
N ARG D 140 -4.46 11.40 14.31
CA ARG D 140 -4.50 10.24 15.21
C ARG D 140 -3.37 9.28 14.92
N ASP D 141 -3.02 9.09 13.64
CA ASP D 141 -1.99 8.12 13.27
C ASP D 141 -0.58 8.72 13.30
N GLY D 142 -0.41 9.95 12.83
CA GLY D 142 0.90 10.57 12.79
C GLY D 142 0.81 12.08 12.73
N PRO D 143 1.93 12.72 12.39
CA PRO D 143 1.94 14.19 12.35
C PRO D 143 1.35 14.74 11.07
N ALA D 144 0.42 15.68 11.20
CA ALA D 144 -0.10 16.39 10.04
C ALA D 144 0.83 17.50 9.58
N ASP D 145 1.62 18.07 10.50
CA ASP D 145 2.54 19.15 10.18
C ASP D 145 3.49 19.37 11.35
N ILE D 146 4.69 19.80 11.02
CA ILE D 146 5.69 20.19 12.01
C ILE D 146 6.20 21.58 11.63
N TRP D 147 6.05 22.54 12.54
CA TRP D 147 6.24 23.96 12.24
C TRP D 147 7.24 24.51 13.24
N PRO D 148 8.53 24.46 12.93
CA PRO D 148 9.55 24.93 13.88
C PRO D 148 9.76 26.43 13.79
N LEU D 149 10.42 26.96 14.82
CA LEU D 149 10.86 28.34 14.79
C LEU D 149 11.87 28.54 13.67
N ASP D 150 11.98 29.79 13.21
CA ASP D 150 12.98 30.18 12.23
C ASP D 150 13.47 31.57 12.59
N PRO D 151 14.19 31.69 13.72
CA PRO D 151 14.62 33.03 14.16
C PRO D 151 15.50 33.75 13.15
N LEU D 152 16.43 33.02 12.52
CA LEU D 152 17.35 33.65 11.58
C LEU D 152 16.61 34.28 10.40
N ASN D 153 15.44 33.76 10.06
CA ASN D 153 14.61 34.32 8.99
C ASN D 153 13.44 35.13 9.54
N GLY D 154 13.51 35.58 10.80
CA GLY D 154 12.56 36.51 11.35
C GLY D 154 11.43 35.88 12.15
N ALA D 155 11.20 34.58 12.01
CA ALA D 155 10.12 33.90 12.72
C ALA D 155 10.66 33.47 14.08
N TRP D 156 10.63 34.41 15.03
CA TRP D 156 11.10 34.14 16.38
C TRP D 156 9.99 33.68 17.32
N PHE D 157 8.75 33.53 16.81
CA PHE D 157 7.67 32.99 17.61
C PHE D 157 6.71 32.21 16.73
N ARG D 158 6.00 31.26 17.35
CA ARG D 158 4.90 30.54 16.71
C ARG D 158 3.69 30.63 17.61
N VAL D 159 2.53 30.93 17.04
CA VAL D 159 1.29 31.05 17.80
C VAL D 159 0.31 29.98 17.33
N GLU D 160 -0.29 29.27 18.27
CA GLU D 160 -1.28 28.25 17.99
C GLU D 160 -2.50 28.48 18.86
N THR D 161 -3.65 28.69 18.24
CA THR D 161 -4.90 28.75 18.98
C THR D 161 -5.55 27.36 18.93
N ASN D 162 -6.52 27.17 18.05
CA ASN D 162 -7.17 25.86 17.90
C ASN D 162 -7.39 25.55 16.43
N TYR D 163 -6.57 26.13 15.55
CA TYR D 163 -6.77 26.01 14.11
C TYR D 163 -5.44 25.79 13.41
N ASP D 164 -5.51 25.14 12.25
CA ASP D 164 -4.31 24.88 11.45
C ASP D 164 -3.69 26.19 10.99
N HIS D 165 -2.38 26.33 11.24
CA HIS D 165 -1.71 27.60 10.95
C HIS D 165 -1.61 27.87 9.46
N TRP D 166 -1.68 26.84 8.62
CA TRP D 166 -1.58 27.02 7.17
C TRP D 166 -2.92 27.30 6.51
N LYS D 167 -4.00 27.31 7.27
CA LYS D 167 -5.29 27.74 6.80
C LYS D 167 -5.70 29.02 7.51
N PRO D 168 -6.65 29.78 6.97
CA PRO D 168 -7.03 31.05 7.60
C PRO D 168 -7.84 30.80 8.86
N ALA D 169 -7.75 31.75 9.79
CA ALA D 169 -8.46 31.62 11.06
C ALA D 169 -9.92 32.03 10.87
N PRO D 170 -10.87 31.34 11.52
CA PRO D 170 -12.27 31.77 11.40
C PRO D 170 -12.41 33.23 11.81
N LYS D 171 -13.18 33.97 11.02
CA LYS D 171 -13.34 35.40 11.31
C LYS D 171 -14.03 35.61 12.66
N GLU D 172 -14.79 34.63 13.14
CA GLU D 172 -15.52 34.75 14.39
C GLU D 172 -14.63 34.57 15.62
N ASP D 173 -13.54 33.80 15.52
CA ASP D 173 -12.67 33.49 16.66
C ASP D 173 -11.21 33.71 16.26
N ASP D 174 -10.82 34.98 16.16
CA ASP D 174 -9.49 35.36 15.68
C ASP D 174 -8.70 35.92 16.86
N ARG D 175 -8.16 35.01 17.68
CA ARG D 175 -7.20 35.38 18.72
C ARG D 175 -5.76 35.31 18.25
N ARG D 176 -5.48 34.52 17.20
CA ARG D 176 -4.12 34.42 16.69
C ARG D 176 -3.61 35.80 16.29
N THR D 177 -4.38 36.52 15.48
CA THR D 177 -3.95 37.84 15.02
C THR D 177 -3.60 38.75 16.20
N SER D 178 -4.45 38.76 17.22
CA SER D 178 -4.21 39.63 18.38
C SER D 178 -2.91 39.26 19.07
N ALA D 179 -2.62 37.96 19.19
CA ALA D 179 -1.40 37.52 19.86
C ALA D 179 -0.17 37.88 19.04
N ILE D 180 -0.24 37.72 17.71
CA ILE D 180 0.91 38.06 16.88
C ILE D 180 1.12 39.57 16.88
N LYS D 181 0.04 40.34 16.79
CA LYS D 181 0.13 41.79 16.88
C LYS D 181 0.82 42.20 18.18
N ALA D 182 0.42 41.59 19.30
CA ALA D 182 1.05 41.91 20.57
C ALA D 182 2.51 41.43 20.59
N LEU D 183 2.77 40.26 20.02
CA LEU D 183 4.16 39.78 19.94
C LEU D 183 5.00 40.69 19.07
N ASN D 184 4.45 41.12 17.93
CA ASN D 184 5.14 42.03 17.03
C ASN D 184 5.48 43.34 17.72
N ALA D 185 4.59 43.82 18.60
CA ALA D 185 4.86 45.08 19.29
C ALA D 185 5.88 44.93 20.41
N THR D 186 5.92 43.77 21.07
CA THR D 186 6.88 43.54 22.13
C THR D 186 8.30 43.55 21.59
N GLY D 187 8.58 42.71 20.61
CA GLY D 187 9.89 42.66 20.00
C GLY D 187 10.76 41.58 20.60
N GLN D 188 11.66 41.04 19.78
CA GLN D 188 12.48 39.91 20.19
C GLN D 188 13.41 40.30 21.34
N ALA D 189 13.85 41.56 21.37
CA ALA D 189 14.78 41.99 22.41
C ALA D 189 14.10 42.19 23.76
N ASN D 190 12.84 42.64 23.76
CA ASN D 190 12.11 42.88 24.99
C ASN D 190 11.38 41.65 25.50
N LEU D 191 11.56 40.50 24.87
CA LEU D 191 10.82 39.29 25.23
C LEU D 191 11.27 38.74 26.57
N SER D 192 10.29 38.29 27.36
CA SER D 192 10.54 37.66 28.65
C SER D 192 9.28 36.90 29.02
N LEU D 193 9.37 36.10 30.09
CA LEU D 193 8.18 35.40 30.56
C LEU D 193 7.11 36.39 31.00
N GLU D 194 7.52 37.47 31.67
CA GLU D 194 6.56 38.50 32.06
C GLU D 194 5.85 39.05 30.84
N ALA D 195 6.61 39.43 29.81
CA ALA D 195 6.01 39.95 28.59
C ALA D 195 5.09 38.93 27.94
N LEU D 196 5.46 37.65 28.04
CA LEU D 196 4.62 36.60 27.47
C LEU D 196 3.34 36.47 28.27
N PHE D 197 3.40 36.72 29.58
CA PHE D 197 2.19 36.74 30.38
C PHE D 197 1.32 37.93 30.00
N GLN D 198 1.93 39.07 29.69
CA GLN D 198 1.17 40.22 29.25
C GLN D 198 0.44 39.93 27.95
N ILE D 199 1.14 39.32 27.00
CA ILE D 199 0.54 38.99 25.71
C ILE D 199 -0.64 38.05 25.88
N LEU D 200 -0.46 37.01 26.68
CA LEU D 200 -1.56 36.09 26.98
C LEU D 200 -2.63 36.74 27.85
N SER D 201 -2.45 37.99 28.27
CA SER D 201 -3.46 38.73 29.00
C SER D 201 -4.24 39.71 28.14
N VAL D 202 -3.90 39.83 26.86
CA VAL D 202 -4.62 40.71 25.94
C VAL D 202 -5.93 40.06 25.54
N VAL D 203 -6.96 40.88 25.35
CA VAL D 203 -8.26 40.40 24.89
C VAL D 203 -8.26 40.48 23.37
N PRO D 204 -8.77 39.45 22.65
CA PRO D 204 -9.46 38.27 23.16
C PRO D 204 -8.60 37.04 23.36
N VAL D 205 -7.27 37.19 23.35
CA VAL D 205 -6.41 36.08 23.73
C VAL D 205 -6.76 35.62 25.13
N TYR D 206 -7.01 36.57 26.03
CA TYR D 206 -7.52 36.33 27.38
C TYR D 206 -9.00 36.69 27.36
N ASN D 207 -9.86 35.68 27.46
CA ASN D 207 -11.28 35.86 27.27
C ASN D 207 -12.07 35.38 28.50
N ASN D 208 -13.39 35.37 28.36
CA ASN D 208 -14.26 34.98 29.47
C ASN D 208 -14.03 33.52 29.87
N PHE D 209 -13.57 32.68 28.95
CA PHE D 209 -13.41 31.25 29.21
C PHE D 209 -12.02 30.88 29.72
N THR D 210 -11.11 31.83 29.86
CA THR D 210 -9.78 31.50 30.34
C THR D 210 -9.84 31.05 31.79
N ILE D 211 -9.21 29.91 32.09
CA ILE D 211 -9.13 29.37 33.43
C ILE D 211 -7.79 29.67 34.07
N TYR D 212 -6.70 29.47 33.34
CA TYR D 212 -5.39 29.78 33.90
C TYR D 212 -4.42 30.07 32.77
N THR D 213 -3.38 30.83 33.14
CA THR D 213 -2.30 31.20 32.23
C THR D 213 -1.00 30.63 32.79
N THR D 214 -0.29 29.85 31.99
CA THR D 214 0.99 29.29 32.38
C THR D 214 2.08 29.84 31.48
N VAL D 215 3.19 30.27 32.09
CA VAL D 215 4.39 30.68 31.37
C VAL D 215 5.55 29.88 31.93
N MET D 216 6.52 29.56 31.08
CA MET D 216 7.57 28.64 31.48
C MET D 216 8.74 28.73 30.50
N SER D 217 9.88 28.23 30.97
CA SER D 217 11.09 28.17 30.15
C SER D 217 11.92 27.00 30.67
N ALA D 218 11.97 25.91 29.91
CA ALA D 218 12.68 24.72 30.38
C ALA D 218 14.11 25.03 30.77
N GLY D 219 14.73 26.00 30.09
CA GLY D 219 16.09 26.40 30.43
C GLY D 219 16.21 27.08 31.77
N SER D 220 15.09 27.57 32.31
CA SER D 220 15.05 28.17 33.64
C SER D 220 13.88 27.54 34.39
N PRO D 221 14.01 26.28 34.80
CA PRO D 221 12.83 25.53 35.27
C PRO D 221 12.21 26.10 36.53
N ASP D 222 12.97 26.84 37.34
CA ASP D 222 12.44 27.38 38.58
C ASP D 222 11.44 28.50 38.35
N LYS D 223 11.36 29.04 37.14
CA LYS D 223 10.50 30.18 36.86
C LYS D 223 9.09 29.79 36.46
N TYR D 224 8.81 28.49 36.37
CA TYR D 224 7.46 27.99 36.05
C TYR D 224 6.43 28.73 36.89
N MET D 225 5.38 29.23 36.23
CA MET D 225 4.44 30.12 36.90
C MET D 225 3.06 29.94 36.29
N THR D 226 2.07 29.66 37.13
CA THR D 226 0.67 29.56 36.72
C THR D 226 -0.17 30.55 37.50
N ARG D 227 -1.02 31.30 36.80
CA ARG D 227 -1.89 32.29 37.42
C ARG D 227 -3.34 32.02 37.02
N ILE D 228 -4.22 31.93 38.02
CA ILE D 228 -5.64 31.66 37.76
C ILE D 228 -6.34 32.98 37.44
N ARG D 229 -7.24 32.92 36.46
CA ARG D 229 -7.78 34.10 35.80
C ARG D 229 -9.18 34.47 36.27
N ASN D 230 -9.39 35.78 36.45
CA ASN D 230 -10.64 36.43 36.86
C ASN D 230 -11.51 35.56 37.76
N PRO D 231 -11.01 35.18 38.95
CA PRO D 231 -11.77 34.34 39.88
C PRO D 231 -13.10 34.97 40.28
N SER E 11 2.45 -23.09 -36.75
CA SER E 11 1.47 -23.65 -35.83
C SER E 11 1.84 -23.28 -34.39
N PRO E 12 0.86 -23.35 -33.48
CA PRO E 12 1.16 -23.01 -32.08
C PRO E 12 2.05 -24.05 -31.42
N PRO E 13 2.79 -23.68 -30.38
CA PRO E 13 3.68 -24.65 -29.71
C PRO E 13 2.87 -25.65 -28.89
N ALA E 14 3.30 -26.91 -28.93
CA ALA E 14 2.67 -27.92 -28.10
C ALA E 14 2.97 -27.63 -26.63
N ALA E 15 1.97 -27.83 -25.78
CA ALA E 15 2.16 -27.57 -24.36
C ALA E 15 3.20 -28.52 -23.78
N PRO E 16 4.03 -28.07 -22.85
CA PRO E 16 5.01 -28.98 -22.24
C PRO E 16 4.31 -30.20 -21.67
N ARG E 17 4.97 -31.35 -21.78
CA ARG E 17 4.41 -32.61 -21.32
C ARG E 17 5.30 -33.17 -20.21
N PHE E 18 4.68 -33.56 -19.10
CA PHE E 18 5.39 -34.06 -17.94
C PHE E 18 4.74 -35.33 -17.43
N ASN E 19 5.47 -36.01 -16.54
CA ASN E 19 5.01 -37.21 -15.87
C ASN E 19 4.82 -36.92 -14.38
N VAL E 20 3.77 -37.49 -13.80
CA VAL E 20 3.52 -37.40 -12.37
C VAL E 20 3.17 -38.79 -11.87
N SER E 21 3.96 -39.32 -10.95
CA SER E 21 3.78 -40.68 -10.45
C SER E 21 2.81 -40.68 -9.28
N LEU E 22 1.65 -41.32 -9.46
CA LEU E 22 0.71 -41.47 -8.35
C LEU E 22 1.21 -42.47 -7.31
N ASP E 23 2.34 -43.13 -7.56
CA ASP E 23 2.96 -43.99 -6.56
C ASP E 23 3.75 -43.19 -5.55
N SER E 24 4.21 -42.00 -5.92
CA SER E 24 4.89 -41.12 -4.98
C SER E 24 3.88 -40.54 -4.00
N VAL E 25 4.37 -40.13 -2.84
CA VAL E 25 3.49 -39.52 -1.85
C VAL E 25 2.92 -38.22 -2.42
N PRO E 26 1.68 -37.86 -2.13
CA PRO E 26 1.12 -36.62 -2.73
C PRO E 26 1.97 -35.38 -2.49
N GLU E 27 2.58 -35.25 -1.32
CA GLU E 27 3.33 -34.03 -1.02
C GLU E 27 4.54 -33.87 -1.91
N LEU E 28 5.01 -34.95 -2.56
CA LEU E 28 6.19 -34.89 -3.41
C LEU E 28 5.88 -35.17 -4.87
N ARG E 29 4.62 -35.38 -5.23
CA ARG E 29 4.30 -35.81 -6.59
C ARG E 29 4.72 -34.77 -7.62
N TRP E 30 4.49 -33.50 -7.34
CA TRP E 30 4.69 -32.44 -8.33
C TRP E 30 6.09 -31.86 -8.32
N LEU E 31 6.90 -32.14 -7.31
CA LEU E 31 8.22 -31.51 -7.24
C LEU E 31 9.06 -31.81 -8.47
N PRO E 32 9.12 -33.04 -8.98
CA PRO E 32 9.86 -33.26 -10.24
C PRO E 32 9.40 -32.35 -11.36
N VAL E 33 8.14 -31.94 -11.36
CA VAL E 33 7.63 -31.05 -12.39
C VAL E 33 7.97 -29.61 -12.07
N LEU E 34 7.85 -29.21 -10.81
CA LEU E 34 8.11 -27.83 -10.42
C LEU E 34 9.56 -27.43 -10.67
N ARG E 35 10.50 -28.37 -10.56
CA ARG E 35 11.91 -28.01 -10.69
C ARG E 35 12.25 -27.51 -12.08
N HIS E 36 11.40 -27.76 -13.07
CA HIS E 36 11.59 -27.23 -14.42
C HIS E 36 11.11 -25.78 -14.55
N TYR E 37 10.67 -25.17 -13.45
CA TYR E 37 10.09 -23.83 -13.47
C TYR E 37 10.81 -22.93 -12.46
N ASP E 38 10.87 -21.65 -12.77
CA ASP E 38 11.37 -20.66 -11.81
C ASP E 38 10.27 -20.34 -10.81
N LEU E 39 10.29 -21.03 -9.66
CA LEU E 39 9.22 -20.85 -8.69
C LEU E 39 9.06 -19.40 -8.27
N ASP E 40 10.11 -18.59 -8.39
CA ASP E 40 9.96 -17.16 -8.10
C ASP E 40 8.88 -16.57 -8.99
N LEU E 41 8.87 -16.96 -10.27
CA LEU E 41 7.85 -16.47 -11.20
C LEU E 41 6.46 -17.06 -10.91
N VAL E 42 6.44 -18.33 -10.54
CA VAL E 42 5.18 -19.00 -10.23
C VAL E 42 4.58 -18.39 -8.95
N ARG E 43 5.40 -18.24 -7.91
CA ARG E 43 4.90 -17.66 -6.67
C ARG E 43 4.35 -16.27 -6.92
N ALA E 44 5.03 -15.48 -7.74
CA ALA E 44 4.60 -14.11 -7.97
C ALA E 44 3.29 -14.07 -8.74
N ALA E 45 3.13 -14.97 -9.71
CA ALA E 45 1.90 -15.02 -10.51
C ALA E 45 0.71 -15.46 -9.67
N MET E 46 0.92 -16.35 -8.70
CA MET E 46 -0.16 -16.73 -7.79
C MET E 46 -0.57 -15.56 -6.91
N ALA E 47 0.40 -14.86 -6.33
CA ALA E 47 0.09 -13.70 -5.50
C ALA E 47 -0.58 -12.60 -6.31
N GLN E 48 -0.31 -12.56 -7.62
CA GLN E 48 -0.87 -11.49 -8.44
C GLN E 48 -2.37 -11.64 -8.63
N VAL E 49 -2.84 -12.83 -9.01
CA VAL E 49 -4.26 -13.00 -9.23
C VAL E 49 -5.01 -12.95 -7.92
N ILE E 50 -4.42 -13.47 -6.85
CA ILE E 50 -5.11 -13.43 -5.55
C ILE E 50 -5.45 -11.98 -5.21
N GLY E 51 -4.44 -11.12 -5.21
CA GLY E 51 -4.69 -9.72 -4.90
C GLY E 51 -5.65 -9.05 -5.86
N ASP E 52 -5.68 -9.51 -7.12
CA ASP E 52 -6.47 -8.88 -8.17
C ASP E 52 -7.90 -9.40 -8.25
N ARG E 53 -8.33 -10.21 -7.30
CA ARG E 53 -9.66 -10.81 -7.36
C ARG E 53 -10.23 -11.02 -5.97
N VAL E 54 -9.41 -11.47 -5.04
CA VAL E 54 -9.92 -11.94 -3.75
C VAL E 54 -10.27 -10.74 -2.88
N PRO E 55 -11.47 -10.68 -2.31
CA PRO E 55 -11.74 -9.70 -1.27
C PRO E 55 -11.07 -10.07 0.04
N LYS E 56 -10.72 -9.05 0.82
CA LYS E 56 -9.91 -9.27 2.02
C LYS E 56 -10.61 -10.23 2.99
N TRP E 57 -11.94 -10.12 3.12
CA TRP E 57 -12.65 -10.94 4.07
C TRP E 57 -12.59 -12.42 3.72
N VAL E 58 -12.40 -12.76 2.44
CA VAL E 58 -12.22 -14.15 2.06
C VAL E 58 -10.88 -14.67 2.59
N HIS E 59 -9.83 -13.84 2.51
CA HIS E 59 -8.51 -14.23 3.01
C HIS E 59 -8.55 -14.59 4.49
N VAL E 60 -9.19 -13.74 5.30
CA VAL E 60 -9.27 -14.01 6.72
C VAL E 60 -10.09 -15.27 6.99
N LEU E 61 -11.25 -15.39 6.34
CA LEU E 61 -12.12 -16.53 6.59
C LEU E 61 -11.42 -17.83 6.22
N ILE E 62 -10.82 -17.89 5.03
CA ILE E 62 -10.17 -19.12 4.59
C ILE E 62 -9.03 -19.47 5.52
N GLY E 63 -8.33 -18.47 6.07
CA GLY E 63 -7.29 -18.74 7.04
C GLY E 63 -7.83 -19.44 8.28
N LYS E 64 -9.01 -19.03 8.75
CA LYS E 64 -9.64 -19.71 9.88
C LYS E 64 -9.94 -21.17 9.55
N VAL E 65 -10.41 -21.44 8.33
CA VAL E 65 -10.87 -22.78 7.99
C VAL E 65 -9.73 -23.65 7.49
N VAL E 66 -8.52 -23.11 7.43
CA VAL E 66 -7.39 -23.92 7.01
C VAL E 66 -7.41 -25.23 7.78
N LEU E 67 -7.73 -25.18 9.08
CA LEU E 67 -7.76 -26.39 9.89
C LEU E 67 -8.91 -27.33 9.56
N GLU E 68 -10.00 -26.84 8.97
CA GLU E 68 -11.14 -27.73 8.67
C GLU E 68 -11.13 -28.27 7.26
N LEU E 69 -10.98 -27.40 6.25
CA LEU E 69 -10.99 -27.89 4.87
C LEU E 69 -9.84 -28.85 4.60
N GLU E 70 -8.66 -28.61 5.21
CA GLU E 70 -7.59 -29.60 5.06
C GLU E 70 -8.05 -30.94 5.60
N ARG E 71 -8.96 -30.91 6.58
CA ARG E 71 -9.54 -32.11 7.20
C ARG E 71 -10.80 -32.53 6.45
N PHE E 72 -11.61 -31.56 6.00
CA PHE E 72 -12.87 -31.88 5.32
C PHE E 72 -12.65 -32.30 3.88
N LEU E 73 -11.67 -31.72 3.20
CA LEU E 73 -11.45 -31.96 1.78
C LEU E 73 -10.58 -33.20 1.56
N PRO E 74 -10.91 -34.00 0.54
CA PRO E 74 -10.29 -35.32 0.41
C PRO E 74 -8.89 -35.27 -0.17
N GLN E 75 -7.98 -36.03 0.45
CA GLN E 75 -6.69 -36.32 -0.17
C GLN E 75 -6.94 -37.05 -1.50
N PRO E 76 -5.97 -37.05 -2.42
CA PRO E 76 -4.64 -36.44 -2.36
C PRO E 76 -4.61 -34.99 -2.81
N PHE E 77 -5.78 -34.42 -3.07
CA PHE E 77 -5.83 -33.04 -3.55
C PHE E 77 -5.24 -32.10 -2.52
N THR E 78 -5.51 -32.34 -1.24
CA THR E 78 -4.98 -31.49 -0.19
C THR E 78 -3.49 -31.71 0.01
N GLY E 79 -3.04 -32.96 -0.04
CA GLY E 79 -1.63 -33.25 0.16
C GLY E 79 -0.76 -32.73 -0.97
N GLU E 80 -1.27 -32.81 -2.21
CA GLU E 80 -0.51 -32.26 -3.34
C GLU E 80 -0.38 -30.75 -3.22
N ILE E 81 -1.46 -30.07 -2.83
CA ILE E 81 -1.40 -28.62 -2.64
C ILE E 81 -0.44 -28.28 -1.51
N ARG E 82 -0.56 -29.00 -0.39
CA ARG E 82 0.30 -28.73 0.75
C ARG E 82 1.78 -28.95 0.38
N GLY E 83 2.04 -29.92 -0.49
CA GLY E 83 3.42 -30.19 -0.88
C GLY E 83 4.02 -29.09 -1.75
N MET E 84 3.27 -28.64 -2.75
CA MET E 84 3.77 -27.57 -3.62
C MET E 84 3.83 -26.23 -2.89
N CYS E 85 2.93 -25.99 -1.93
CA CYS E 85 2.89 -24.70 -1.25
C CYS E 85 4.12 -24.49 -0.39
N ASP E 86 4.45 -25.47 0.45
CA ASP E 86 5.67 -25.38 1.25
C ASP E 86 6.90 -25.28 0.36
N PHE E 87 6.94 -26.10 -0.70
CA PHE E 87 8.07 -26.06 -1.63
C PHE E 87 8.23 -24.67 -2.23
N MET E 88 7.14 -23.95 -2.46
CA MET E 88 7.19 -22.60 -2.99
C MET E 88 7.25 -21.54 -1.89
N ASN E 89 7.27 -21.94 -0.63
CA ASN E 89 7.33 -21.01 0.49
C ASN E 89 6.13 -20.07 0.51
N LEU E 90 4.94 -20.62 0.29
CA LEU E 90 3.70 -19.88 0.38
C LEU E 90 2.84 -20.40 1.52
N SER E 91 1.82 -19.60 1.86
CA SER E 91 0.88 -19.95 2.91
C SER E 91 -0.21 -20.85 2.35
N LEU E 92 -0.47 -21.96 3.04
CA LEU E 92 -1.46 -22.92 2.55
C LEU E 92 -2.79 -22.25 2.24
N ALA E 93 -3.17 -21.23 3.01
CA ALA E 93 -4.41 -20.53 2.75
C ALA E 93 -4.44 -19.93 1.35
N ASP E 94 -3.29 -19.47 0.85
CA ASP E 94 -3.26 -18.88 -0.49
C ASP E 94 -3.29 -19.95 -1.58
N CYS E 95 -2.54 -21.04 -1.40
CA CYS E 95 -2.51 -22.10 -2.39
C CYS E 95 -3.88 -22.77 -2.52
N LEU E 96 -4.58 -22.94 -1.41
CA LEU E 96 -5.92 -23.51 -1.46
C LEU E 96 -6.88 -22.57 -2.18
N LEU E 97 -6.71 -21.27 -1.99
CA LEU E 97 -7.63 -20.32 -2.63
C LEU E 97 -7.44 -20.32 -4.14
N VAL E 98 -6.20 -20.49 -4.60
CA VAL E 98 -5.95 -20.59 -6.04
C VAL E 98 -6.58 -21.86 -6.60
N ASN E 99 -6.43 -22.98 -5.90
CA ASN E 99 -7.01 -24.23 -6.37
C ASN E 99 -8.53 -24.25 -6.30
N LEU E 100 -9.13 -23.43 -5.42
CA LEU E 100 -10.57 -23.27 -5.34
C LEU E 100 -11.03 -21.98 -6.01
N ALA E 101 -10.25 -21.46 -6.95
CA ALA E 101 -10.59 -20.18 -7.59
C ALA E 101 -11.98 -20.25 -8.21
N TYR E 102 -12.31 -21.38 -8.84
CA TYR E 102 -13.62 -21.52 -9.44
C TYR E 102 -14.70 -21.51 -8.37
N GLU E 103 -14.44 -22.19 -7.24
CA GLU E 103 -15.41 -22.29 -6.17
C GLU E 103 -15.58 -20.96 -5.43
N SER E 104 -14.51 -20.17 -5.33
CA SER E 104 -14.58 -18.89 -4.61
C SER E 104 -15.55 -17.92 -5.27
N SER E 105 -15.75 -18.04 -6.58
CA SER E 105 -16.68 -17.26 -7.37
C SER E 105 -16.18 -15.85 -7.64
N VAL E 106 -15.09 -15.40 -7.00
CA VAL E 106 -14.59 -14.06 -7.23
C VAL E 106 -13.65 -13.98 -8.42
N PHE E 107 -13.30 -15.12 -9.02
CA PHE E 107 -12.35 -15.18 -10.13
C PHE E 107 -13.05 -15.14 -11.49
N CYS F 1 -14.85 -20.40 -22.22
CA CYS F 1 -14.42 -21.69 -22.74
C CYS F 1 -15.37 -22.24 -23.81
N THR F 2 -14.91 -23.23 -24.57
CA THR F 2 -15.70 -23.88 -25.60
C THR F 2 -15.33 -25.35 -25.65
N SER F 3 -16.32 -26.24 -25.56
CA SER F 3 -16.08 -27.67 -25.60
C SER F 3 -16.95 -28.31 -26.68
N ILE F 4 -16.35 -29.22 -27.45
CA ILE F 4 -17.03 -29.87 -28.56
C ILE F 4 -16.80 -31.37 -28.48
N VAL F 5 -17.87 -32.14 -28.58
CA VAL F 5 -17.81 -33.59 -28.72
C VAL F 5 -18.61 -33.94 -29.98
N ALA F 6 -18.02 -34.77 -30.84
CA ALA F 6 -18.64 -35.09 -32.12
C ALA F 6 -18.24 -36.50 -32.53
N GLN F 7 -18.99 -37.05 -33.49
CA GLN F 7 -18.77 -38.41 -33.97
C GLN F 7 -18.69 -38.37 -35.49
N ASP F 8 -17.71 -39.08 -36.04
CA ASP F 8 -17.49 -39.05 -37.48
C ASP F 8 -18.37 -40.10 -38.15
N SER F 9 -18.21 -40.24 -39.47
CA SER F 9 -19.02 -41.17 -40.24
C SER F 9 -18.70 -42.61 -39.89
N ARG F 10 -17.57 -42.88 -39.23
CA ARG F 10 -17.17 -44.25 -38.91
C ARG F 10 -17.37 -44.63 -37.44
N GLY F 11 -18.02 -43.79 -36.64
CA GLY F 11 -18.36 -44.15 -35.29
C GLY F 11 -17.31 -43.83 -34.24
N HIS F 12 -16.27 -43.07 -34.59
CA HIS F 12 -15.26 -42.65 -33.64
C HIS F 12 -15.70 -41.36 -32.96
N ILE F 13 -15.30 -41.20 -31.71
CA ILE F 13 -15.66 -40.03 -30.91
C ILE F 13 -14.46 -39.11 -30.84
N TYR F 14 -14.67 -37.84 -31.16
CA TYR F 14 -13.66 -36.81 -31.06
C TYR F 14 -14.11 -35.74 -30.07
N HIS F 15 -13.14 -35.15 -29.38
CA HIS F 15 -13.41 -34.24 -28.28
C HIS F 15 -12.34 -33.15 -28.30
N GLY F 16 -12.78 -31.90 -28.27
CA GLY F 16 -11.84 -30.78 -28.25
C GLY F 16 -12.39 -29.65 -27.42
N ARG F 17 -11.49 -28.79 -26.95
CA ARG F 17 -11.92 -27.69 -26.09
C ARG F 17 -10.90 -26.56 -26.14
N ASN F 18 -11.41 -25.34 -25.98
CA ASN F 18 -10.59 -24.16 -25.72
C ASN F 18 -10.84 -23.69 -24.30
N LEU F 19 -9.77 -23.41 -23.56
CA LEU F 19 -9.88 -22.89 -22.22
C LEU F 19 -9.58 -21.39 -22.27
N ASP F 20 -10.61 -20.59 -22.09
CA ASP F 20 -10.49 -19.14 -22.14
C ASP F 20 -10.49 -18.57 -20.72
N TYR F 21 -9.59 -17.62 -20.48
CA TYR F 21 -9.50 -16.95 -19.20
C TYR F 21 -8.68 -15.69 -19.37
N PRO F 22 -9.03 -14.57 -18.70
CA PRO F 22 -8.14 -13.40 -18.69
C PRO F 22 -6.84 -13.75 -17.99
N PHE F 23 -5.92 -12.80 -17.81
CA PHE F 23 -4.67 -13.11 -17.13
C PHE F 23 -3.93 -14.18 -17.92
N GLY F 24 -4.04 -14.09 -19.24
CA GLY F 24 -3.50 -15.12 -20.13
C GLY F 24 -1.98 -15.19 -20.23
N ASN F 25 -1.31 -14.05 -20.34
CA ASN F 25 0.13 -14.06 -20.56
C ASN F 25 0.89 -14.86 -19.51
N VAL F 26 0.25 -15.20 -18.39
CA VAL F 26 0.92 -15.93 -17.32
C VAL F 26 0.48 -17.38 -17.34
N LEU F 27 -0.77 -17.64 -17.71
CA LEU F 27 -1.24 -19.03 -17.68
C LEU F 27 -0.72 -19.82 -18.86
N ARG F 28 -0.43 -19.14 -19.98
CA ARG F 28 0.12 -19.84 -21.13
C ARG F 28 1.48 -20.46 -20.82
N LYS F 29 2.35 -19.73 -20.08
CA LYS F 29 3.62 -20.31 -19.69
C LYS F 29 3.47 -21.46 -18.71
N LEU F 30 2.38 -21.50 -17.94
CA LEU F 30 2.23 -22.50 -16.89
C LEU F 30 1.39 -23.70 -17.33
N THR F 31 0.87 -23.69 -18.55
CA THR F 31 0.06 -24.81 -19.04
C THR F 31 0.93 -26.03 -19.28
N VAL F 32 0.45 -27.19 -18.85
CA VAL F 32 1.17 -28.44 -19.02
C VAL F 32 0.20 -29.58 -19.30
N ASP F 33 0.67 -30.55 -20.08
CA ASP F 33 0.01 -31.85 -20.19
C ASP F 33 0.71 -32.78 -19.20
N VAL F 34 -0.06 -33.41 -18.33
CA VAL F 34 0.50 -34.26 -17.28
C VAL F 34 -0.03 -35.67 -17.45
N GLN F 35 0.88 -36.64 -17.54
CA GLN F 35 0.54 -38.05 -17.56
C GLN F 35 0.66 -38.59 -16.13
N PHE F 36 -0.47 -38.99 -15.55
CA PHE F 36 -0.50 -39.51 -14.19
C PHE F 36 -0.29 -41.01 -14.23
N LEU F 37 0.78 -41.47 -13.59
CA LEU F 37 1.22 -42.85 -13.70
C LEU F 37 0.81 -43.67 -12.49
N LYS F 38 0.25 -44.85 -12.75
CA LYS F 38 -0.01 -45.85 -11.72
C LYS F 38 0.87 -47.05 -12.04
N ASN F 39 1.88 -47.29 -11.19
CA ASN F 39 2.78 -48.43 -11.37
C ASN F 39 3.44 -48.38 -12.75
N GLY F 40 3.96 -47.21 -13.10
CA GLY F 40 4.70 -47.04 -14.34
C GLY F 40 3.86 -46.95 -15.60
N GLN F 41 2.55 -47.15 -15.51
CA GLN F 41 1.67 -47.09 -16.66
C GLN F 41 0.80 -45.84 -16.58
N ILE F 42 0.53 -45.26 -17.74
CA ILE F 42 -0.25 -44.04 -17.82
C ILE F 42 -1.68 -44.35 -17.40
N ALA F 43 -2.08 -43.87 -16.22
CA ALA F 43 -3.45 -44.08 -15.77
C ALA F 43 -4.40 -43.14 -16.49
N PHE F 44 -4.01 -41.87 -16.65
CA PHE F 44 -4.84 -40.89 -17.36
C PHE F 44 -3.99 -39.65 -17.61
N THR F 45 -4.38 -38.91 -18.65
CA THR F 45 -3.71 -37.68 -19.03
C THR F 45 -4.65 -36.50 -18.75
N GLY F 46 -4.06 -35.37 -18.37
CA GLY F 46 -4.83 -34.18 -18.08
C GLY F 46 -4.03 -32.94 -18.44
N THR F 47 -4.76 -31.84 -18.59
CA THR F 47 -4.15 -30.55 -18.90
C THR F 47 -4.49 -29.60 -17.76
N THR F 48 -3.46 -28.95 -17.20
CA THR F 48 -3.67 -28.05 -16.08
C THR F 48 -2.64 -26.94 -16.11
N PHE F 49 -2.70 -26.11 -15.08
CA PHE F 49 -1.72 -25.07 -14.82
C PHE F 49 -0.88 -25.48 -13.62
N ILE F 50 0.44 -25.30 -13.74
CA ILE F 50 1.33 -25.71 -12.65
C ILE F 50 0.90 -25.02 -11.37
N GLY F 51 0.71 -25.80 -10.32
CA GLY F 51 0.18 -25.30 -9.07
C GLY F 51 -1.29 -25.61 -8.85
N TYR F 52 -1.98 -26.05 -9.89
CA TYR F 52 -3.40 -26.36 -9.85
C TYR F 52 -3.55 -27.87 -10.03
N VAL F 53 -4.06 -28.55 -9.01
CA VAL F 53 -4.11 -30.01 -9.06
C VAL F 53 -5.34 -30.53 -9.77
N GLY F 54 -6.37 -29.71 -9.93
CA GLY F 54 -7.57 -30.14 -10.61
C GLY F 54 -7.41 -30.11 -12.13
N LEU F 55 -8.21 -30.94 -12.79
CA LEU F 55 -8.16 -31.08 -14.24
C LEU F 55 -9.46 -30.57 -14.85
N TRP F 56 -9.36 -29.56 -15.70
CA TRP F 56 -10.47 -29.10 -16.51
C TRP F 56 -10.50 -29.78 -17.88
N THR F 57 -9.48 -30.55 -18.22
CA THR F 57 -9.40 -31.24 -19.50
C THR F 57 -8.60 -32.51 -19.27
N GLY F 58 -9.14 -33.65 -19.70
CA GLY F 58 -8.47 -34.90 -19.40
C GLY F 58 -8.97 -36.03 -20.26
N GLN F 59 -8.24 -37.13 -20.17
CA GLN F 59 -8.49 -38.31 -21.01
C GLN F 59 -8.15 -39.55 -20.20
N SER F 60 -9.05 -40.53 -20.22
CA SER F 60 -8.77 -41.86 -19.70
C SER F 60 -8.56 -42.78 -20.89
N PRO F 61 -7.40 -43.42 -21.03
CA PRO F 61 -7.10 -44.15 -22.28
C PRO F 61 -8.15 -45.24 -22.57
N HIS F 62 -8.72 -45.17 -23.77
CA HIS F 62 -9.67 -46.18 -24.22
C HIS F 62 -10.88 -46.29 -23.30
N LYS F 63 -11.22 -45.19 -22.63
CA LYS F 63 -12.39 -45.17 -21.77
C LYS F 63 -13.26 -43.97 -22.10
N PHE F 64 -12.75 -42.76 -21.86
CA PHE F 64 -13.55 -41.56 -22.08
C PHE F 64 -12.66 -40.33 -22.02
N THR F 65 -13.20 -39.22 -22.52
CA THR F 65 -12.56 -37.91 -22.43
C THR F 65 -13.50 -36.97 -21.68
N VAL F 66 -12.90 -36.01 -20.97
CA VAL F 66 -13.67 -35.06 -20.16
C VAL F 66 -13.12 -33.66 -20.37
N SER F 67 -14.04 -32.69 -20.39
CA SER F 67 -13.69 -31.27 -20.35
C SER F 67 -14.77 -30.55 -19.56
N GLY F 68 -14.37 -29.50 -18.87
CA GLY F 68 -15.29 -28.74 -18.04
C GLY F 68 -15.34 -27.27 -18.40
N ASP F 69 -16.55 -26.71 -18.52
CA ASP F 69 -16.75 -25.30 -18.80
C ASP F 69 -17.46 -24.64 -17.63
N GLU F 70 -17.31 -23.33 -17.54
CA GLU F 70 -17.89 -22.55 -16.46
C GLU F 70 -19.39 -22.39 -16.65
N ARG F 71 -20.14 -22.52 -15.56
CA ARG F 71 -21.57 -22.25 -15.53
C ARG F 71 -21.86 -21.26 -14.41
N ASP F 72 -22.26 -20.04 -14.78
CA ASP F 72 -22.51 -18.97 -13.81
C ASP F 72 -23.96 -19.02 -13.35
N LYS F 73 -24.21 -19.62 -12.19
CA LYS F 73 -25.55 -19.67 -11.65
C LYS F 73 -25.46 -19.86 -10.15
N GLY F 74 -26.19 -19.04 -9.40
CA GLY F 74 -26.16 -19.06 -7.95
C GLY F 74 -25.34 -17.93 -7.36
N TRP F 75 -25.36 -17.85 -6.04
CA TRP F 75 -24.66 -16.81 -5.30
C TRP F 75 -23.49 -17.39 -4.51
N TRP F 76 -22.59 -16.50 -4.11
CA TRP F 76 -21.36 -16.93 -3.46
C TRP F 76 -21.65 -17.76 -2.22
N TRP F 77 -22.69 -17.40 -1.45
CA TRP F 77 -22.97 -18.14 -0.23
C TRP F 77 -23.51 -19.54 -0.53
N GLU F 78 -24.00 -19.78 -1.75
CA GLU F 78 -24.41 -21.14 -2.14
C GLU F 78 -23.18 -22.03 -2.30
N ASN F 79 -22.13 -21.51 -2.93
CA ASN F 79 -20.87 -22.23 -3.00
C ASN F 79 -20.28 -22.39 -1.60
N ALA F 80 -20.34 -21.32 -0.79
CA ALA F 80 -19.79 -21.35 0.55
C ALA F 80 -20.50 -22.39 1.41
N ILE F 81 -21.83 -22.41 1.37
CA ILE F 81 -22.58 -23.40 2.14
C ILE F 81 -22.28 -24.80 1.63
N ALA F 82 -22.24 -24.97 0.31
CA ALA F 82 -21.96 -26.28 -0.26
C ALA F 82 -20.58 -26.78 0.13
N ALA F 83 -19.62 -25.88 0.31
CA ALA F 83 -18.25 -26.29 0.61
C ALA F 83 -18.05 -26.58 2.10
N LEU F 84 -18.57 -25.71 2.98
CA LEU F 84 -18.30 -25.82 4.41
C LEU F 84 -19.15 -26.90 5.07
N PHE F 85 -20.48 -26.85 4.85
CA PHE F 85 -21.41 -27.66 5.61
C PHE F 85 -21.89 -28.90 4.87
N ARG F 86 -22.01 -28.84 3.56
CA ARG F 86 -22.53 -29.93 2.76
C ARG F 86 -21.44 -30.90 2.32
N ARG F 87 -20.16 -30.59 2.55
CA ARG F 87 -19.06 -31.48 2.19
C ARG F 87 -19.13 -31.86 0.71
N HIS F 88 -19.52 -30.91 -0.13
CA HIS F 88 -19.42 -31.07 -1.57
C HIS F 88 -17.97 -30.88 -2.01
N ILE F 89 -17.66 -31.38 -3.20
CA ILE F 89 -16.27 -31.38 -3.66
C ILE F 89 -16.08 -30.40 -4.81
N PRO F 90 -14.84 -29.93 -5.04
CA PRO F 90 -14.62 -28.96 -6.11
C PRO F 90 -14.86 -29.56 -7.49
N VAL F 91 -15.11 -28.66 -8.43
CA VAL F 91 -15.55 -29.05 -9.77
C VAL F 91 -14.42 -29.75 -10.52
N SER F 92 -13.23 -29.17 -10.50
CA SER F 92 -12.11 -29.73 -11.24
C SER F 92 -11.52 -30.96 -10.59
N TRP F 93 -11.80 -31.19 -9.30
CA TRP F 93 -11.31 -32.39 -8.64
C TRP F 93 -12.13 -33.62 -9.01
N LEU F 94 -13.44 -33.43 -9.25
CA LEU F 94 -14.29 -34.54 -9.67
C LEU F 94 -13.89 -35.04 -11.06
N ILE F 95 -13.57 -34.12 -11.97
CA ILE F 95 -13.08 -34.54 -13.28
C ILE F 95 -11.88 -35.46 -13.12
N ARG F 96 -10.94 -35.08 -12.26
CA ARG F 96 -9.74 -35.90 -12.08
C ARG F 96 -10.07 -37.19 -11.34
N ALA F 97 -10.96 -37.13 -10.35
CA ALA F 97 -11.40 -38.34 -9.67
C ALA F 97 -12.11 -39.28 -10.64
N THR F 98 -12.88 -38.72 -11.58
CA THR F 98 -13.55 -39.56 -12.58
C THR F 98 -12.55 -40.20 -13.53
N LEU F 99 -11.56 -39.43 -14.00
CA LEU F 99 -10.58 -39.97 -14.92
C LEU F 99 -9.80 -41.11 -14.28
N SER F 100 -9.66 -41.10 -12.95
CA SER F 100 -8.86 -42.10 -12.28
C SER F 100 -9.64 -43.36 -11.93
N GLU F 101 -10.93 -43.22 -11.61
CA GLU F 101 -11.72 -44.30 -11.04
C GLU F 101 -12.68 -44.94 -12.02
N SER F 102 -13.44 -44.14 -12.76
CA SER F 102 -14.52 -44.68 -13.59
C SER F 102 -14.00 -45.72 -14.57
N GLU F 103 -14.73 -46.83 -14.68
CA GLU F 103 -14.29 -47.96 -15.48
C GLU F 103 -14.60 -47.80 -16.96
N ASN F 104 -15.57 -46.96 -17.32
CA ASN F 104 -15.96 -46.82 -18.71
C ASN F 104 -16.65 -45.48 -18.89
N PHE F 105 -17.10 -45.23 -20.13
CA PHE F 105 -17.79 -43.99 -20.43
C PHE F 105 -19.07 -43.85 -19.62
N GLU F 106 -19.91 -44.90 -19.63
CA GLU F 106 -21.19 -44.83 -18.94
C GLU F 106 -21.01 -44.57 -17.46
N ALA F 107 -19.97 -45.18 -16.85
CA ALA F 107 -19.73 -44.96 -15.43
C ALA F 107 -19.29 -43.53 -15.13
N ALA F 108 -18.50 -42.94 -16.03
CA ALA F 108 -18.03 -41.57 -15.82
C ALA F 108 -19.17 -40.57 -15.93
N VAL F 109 -20.06 -40.74 -16.91
CA VAL F 109 -21.19 -39.84 -17.04
C VAL F 109 -22.01 -39.83 -15.75
N GLY F 110 -22.17 -41.01 -15.13
CA GLY F 110 -22.92 -41.08 -13.89
C GLY F 110 -22.19 -40.45 -12.73
N LYS F 111 -20.88 -40.69 -12.63
CA LYS F 111 -20.09 -40.06 -11.58
C LYS F 111 -20.12 -38.54 -11.70
N LEU F 112 -19.97 -38.04 -12.93
CA LEU F 112 -19.96 -36.61 -13.16
C LEU F 112 -21.35 -35.99 -13.01
N ALA F 113 -22.41 -36.74 -13.33
CA ALA F 113 -23.73 -36.13 -13.35
C ALA F 113 -24.36 -36.04 -11.97
N LYS F 114 -24.01 -36.92 -11.04
CA LYS F 114 -24.72 -37.02 -9.77
C LYS F 114 -23.89 -36.65 -8.55
N THR F 115 -22.57 -36.65 -8.61
CA THR F 115 -21.76 -36.29 -7.45
C THR F 115 -22.00 -34.83 -7.08
N PRO F 116 -22.25 -34.51 -5.81
CA PRO F 116 -22.51 -33.11 -5.43
C PRO F 116 -21.29 -32.22 -5.64
N LEU F 117 -21.56 -31.00 -6.13
CA LEU F 117 -20.50 -30.06 -6.47
C LEU F 117 -20.67 -28.76 -5.68
N ILE F 118 -19.55 -28.07 -5.47
CA ILE F 118 -19.60 -26.79 -4.77
C ILE F 118 -20.20 -25.72 -5.66
N ALA F 119 -20.04 -25.84 -6.97
CA ALA F 119 -20.54 -24.86 -7.92
C ALA F 119 -21.06 -25.58 -9.15
N ASP F 120 -21.77 -24.82 -9.99
CA ASP F 120 -22.31 -25.37 -11.23
C ASP F 120 -21.18 -25.51 -12.25
N VAL F 121 -21.47 -26.25 -13.34
CA VAL F 121 -20.48 -26.50 -14.37
C VAL F 121 -21.17 -27.13 -15.56
N TYR F 122 -20.51 -27.09 -16.71
CA TYR F 122 -20.88 -27.90 -17.87
C TYR F 122 -19.80 -28.96 -18.03
N TYR F 123 -20.17 -30.22 -17.86
CA TYR F 123 -19.26 -31.33 -18.12
C TYR F 123 -19.57 -31.89 -19.50
N ILE F 124 -18.54 -31.94 -20.35
CA ILE F 124 -18.65 -32.55 -21.67
C ILE F 124 -17.81 -33.82 -21.64
N VAL F 125 -18.43 -34.93 -21.99
CA VAL F 125 -17.79 -36.24 -21.89
C VAL F 125 -17.82 -36.91 -23.25
N GLY F 126 -16.70 -37.49 -23.64
CA GLY F 126 -16.60 -38.28 -24.85
C GLY F 126 -16.13 -39.69 -24.53
N GLY F 127 -16.63 -40.64 -25.30
CA GLY F 127 -16.30 -42.05 -25.09
C GLY F 127 -15.54 -42.67 -26.23
N THR F 128 -15.88 -43.91 -26.56
CA THR F 128 -15.23 -44.67 -27.62
C THR F 128 -16.21 -45.22 -28.65
N SER F 129 -17.39 -45.69 -28.22
CA SER F 129 -18.38 -46.28 -29.11
C SER F 129 -19.24 -45.20 -29.75
N PRO F 130 -20.03 -45.55 -30.77
CA PRO F 130 -20.94 -44.57 -31.36
C PRO F 130 -21.93 -44.03 -30.32
N ARG F 131 -22.35 -42.78 -30.53
CA ARG F 131 -23.35 -42.13 -29.69
C ARG F 131 -22.79 -41.72 -28.32
N GLU F 132 -21.56 -42.12 -28.00
CA GLU F 132 -21.02 -41.87 -26.66
C GLU F 132 -20.44 -40.46 -26.63
N GLY F 133 -21.34 -39.49 -26.55
CA GLY F 133 -20.99 -38.09 -26.40
C GLY F 133 -22.12 -37.32 -25.74
N VAL F 134 -21.82 -36.54 -24.71
CA VAL F 134 -22.87 -35.92 -23.89
C VAL F 134 -22.37 -34.62 -23.29
N VAL F 135 -23.30 -33.69 -23.11
CA VAL F 135 -23.07 -32.45 -22.37
C VAL F 135 -23.91 -32.53 -21.10
N ILE F 136 -23.23 -32.50 -19.95
CA ILE F 136 -23.90 -32.54 -18.65
C ILE F 136 -23.95 -31.13 -18.09
N THR F 137 -25.13 -30.53 -18.09
CA THR F 137 -25.32 -29.26 -17.39
C THR F 137 -25.58 -29.55 -15.92
N ARG F 138 -24.69 -29.07 -15.05
CA ARG F 138 -24.68 -29.49 -13.65
C ARG F 138 -25.27 -28.43 -12.74
N ASN F 139 -26.03 -28.90 -11.75
CA ASN F 139 -26.35 -28.16 -10.55
C ASN F 139 -25.51 -28.70 -9.41
N ARG F 140 -25.51 -27.97 -8.29
CA ARG F 140 -24.79 -28.44 -7.12
C ARG F 140 -25.38 -29.75 -6.61
N ASP F 141 -26.72 -29.89 -6.71
CA ASP F 141 -27.41 -31.04 -6.13
C ASP F 141 -27.36 -32.23 -7.06
N GLY F 142 -27.62 -32.01 -8.35
CA GLY F 142 -27.60 -33.07 -9.33
C GLY F 142 -27.47 -32.53 -10.74
N PRO F 143 -27.77 -33.35 -11.74
CA PRO F 143 -27.65 -32.88 -13.13
C PRO F 143 -28.88 -32.09 -13.53
N ALA F 144 -28.65 -30.89 -14.05
CA ALA F 144 -29.76 -30.07 -14.55
C ALA F 144 -30.25 -30.53 -15.91
N ASP F 145 -29.39 -31.17 -16.70
CA ASP F 145 -29.76 -31.61 -18.04
C ASP F 145 -28.69 -32.57 -18.53
N ILE F 146 -29.11 -33.53 -19.36
CA ILE F 146 -28.20 -34.46 -20.00
C ILE F 146 -28.50 -34.45 -21.49
N TRP F 147 -27.50 -34.13 -22.30
CA TRP F 147 -27.68 -33.81 -23.72
C TRP F 147 -26.75 -34.68 -24.55
N PRO F 148 -27.21 -35.87 -24.96
CA PRO F 148 -26.35 -36.78 -25.70
C PRO F 148 -26.36 -36.49 -27.20
N LEU F 149 -25.39 -37.10 -27.88
CA LEU F 149 -25.39 -37.09 -29.34
C LEU F 149 -26.61 -37.85 -29.86
N ASP F 150 -27.00 -37.53 -31.09
CA ASP F 150 -28.11 -38.21 -31.77
C ASP F 150 -27.77 -38.33 -33.25
N PRO F 151 -26.78 -39.15 -33.59
CA PRO F 151 -26.36 -39.23 -35.00
C PRO F 151 -27.48 -39.62 -35.95
N LEU F 152 -28.32 -40.59 -35.58
CA LEU F 152 -29.38 -41.00 -36.50
C LEU F 152 -30.34 -39.87 -36.81
N ASN F 153 -30.50 -38.93 -35.89
CA ASN F 153 -31.36 -37.77 -36.09
C ASN F 153 -30.59 -36.52 -36.49
N GLY F 154 -29.35 -36.69 -36.96
CA GLY F 154 -28.59 -35.60 -37.50
C GLY F 154 -27.67 -34.90 -36.53
N ALA F 155 -27.84 -35.12 -35.23
CA ALA F 155 -27.03 -34.45 -34.20
C ALA F 155 -25.78 -35.29 -33.97
N TRP F 156 -24.78 -35.07 -34.83
CA TRP F 156 -23.50 -35.76 -34.71
C TRP F 156 -22.48 -34.96 -33.91
N PHE F 157 -22.85 -33.77 -33.42
CA PHE F 157 -21.97 -32.98 -32.57
C PHE F 157 -22.79 -32.22 -31.55
N ARG F 158 -22.16 -31.89 -30.43
CA ARG F 158 -22.71 -31.02 -29.42
C ARG F 158 -21.70 -29.93 -29.13
N VAL F 159 -22.17 -28.69 -29.05
CA VAL F 159 -21.32 -27.54 -28.75
C VAL F 159 -21.79 -26.93 -27.43
N GLU F 160 -20.85 -26.71 -26.52
CA GLU F 160 -21.15 -26.07 -25.24
C GLU F 160 -20.14 -24.97 -25.00
N THR F 161 -20.62 -23.73 -24.88
CA THR F 161 -19.79 -22.61 -24.48
C THR F 161 -19.92 -22.44 -22.97
N ASN F 162 -20.75 -21.48 -22.55
CA ASN F 162 -20.96 -21.25 -21.11
C ASN F 162 -22.42 -20.95 -20.79
N TYR F 163 -23.36 -21.47 -21.58
CA TYR F 163 -24.78 -21.17 -21.40
C TYR F 163 -25.59 -22.45 -21.56
N ASP F 164 -26.76 -22.47 -20.90
CA ASP F 164 -27.66 -23.61 -21.02
C ASP F 164 -28.15 -23.73 -22.46
N HIS F 165 -28.00 -24.92 -23.04
CA HIS F 165 -28.29 -25.07 -24.46
C HIS F 165 -29.78 -24.92 -24.78
N TRP F 166 -30.65 -25.06 -23.79
CA TRP F 166 -32.10 -24.95 -24.01
C TRP F 166 -32.61 -23.52 -23.87
N LYS F 167 -31.74 -22.56 -23.57
CA LYS F 167 -32.04 -21.14 -23.62
C LYS F 167 -31.24 -20.49 -24.74
N PRO F 168 -31.65 -19.32 -25.22
CA PRO F 168 -30.91 -18.66 -26.29
C PRO F 168 -29.64 -18.01 -25.78
N ALA F 169 -28.61 -17.99 -26.65
CA ALA F 169 -27.32 -17.42 -26.29
C ALA F 169 -27.30 -15.92 -26.51
N PRO F 170 -26.71 -15.15 -25.59
CA PRO F 170 -26.54 -13.71 -25.83
C PRO F 170 -25.74 -13.42 -27.09
N LYS F 171 -26.13 -12.35 -27.79
CA LYS F 171 -25.49 -11.96 -29.03
C LYS F 171 -24.07 -11.42 -28.85
N GLU F 172 -23.76 -10.84 -27.69
CA GLU F 172 -22.42 -10.24 -27.54
C GLU F 172 -21.32 -11.28 -27.43
N ASP F 173 -21.61 -12.48 -26.95
CA ASP F 173 -20.65 -13.52 -26.78
C ASP F 173 -21.25 -14.80 -27.37
N ASP F 174 -21.34 -14.83 -28.70
CA ASP F 174 -21.91 -15.96 -29.42
C ASP F 174 -20.78 -16.62 -30.21
N ARG F 175 -20.02 -17.45 -29.50
CA ARG F 175 -19.04 -18.31 -30.14
C ARG F 175 -19.64 -19.65 -30.56
N ARG F 176 -20.74 -20.05 -29.90
CA ARG F 176 -21.43 -21.28 -30.28
CA ARG F 176 -21.42 -21.29 -30.27
C ARG F 176 -21.78 -21.29 -31.75
N THR F 177 -22.36 -20.19 -32.24
CA THR F 177 -22.77 -20.13 -33.63
C THR F 177 -21.59 -20.36 -34.58
N SER F 178 -20.47 -19.70 -34.31
CA SER F 178 -19.32 -19.87 -35.19
C SER F 178 -18.83 -21.32 -35.17
N ALA F 179 -18.87 -21.96 -34.01
CA ALA F 179 -18.43 -23.35 -33.91
C ALA F 179 -19.35 -24.27 -34.69
N ILE F 180 -20.67 -24.06 -34.60
CA ILE F 180 -21.60 -24.89 -35.34
C ILE F 180 -21.48 -24.62 -36.84
N LYS F 181 -21.34 -23.36 -37.23
CA LYS F 181 -21.12 -23.07 -38.64
C LYS F 181 -19.90 -23.80 -39.16
N ALA F 182 -18.81 -23.80 -38.39
CA ALA F 182 -17.59 -24.48 -38.81
C ALA F 182 -17.79 -25.99 -38.88
N LEU F 183 -18.50 -26.57 -37.90
CA LEU F 183 -18.78 -27.99 -37.92
C LEU F 183 -19.69 -28.37 -39.08
N ASN F 184 -20.70 -27.54 -39.36
CA ASN F 184 -21.59 -27.82 -40.47
C ASN F 184 -20.82 -27.86 -41.79
N ALA F 185 -19.83 -26.98 -41.94
CA ALA F 185 -19.05 -26.91 -43.18
C ALA F 185 -18.00 -28.03 -43.25
N THR F 186 -17.49 -28.47 -42.11
CA THR F 186 -16.51 -29.56 -42.11
C THR F 186 -17.15 -30.85 -42.60
N GLY F 187 -18.24 -31.26 -41.98
CA GLY F 187 -18.95 -32.46 -42.37
C GLY F 187 -18.54 -33.67 -41.57
N GLN F 188 -19.50 -34.58 -41.37
CA GLN F 188 -19.24 -35.74 -40.52
C GLN F 188 -18.18 -36.66 -41.13
N ALA F 189 -18.12 -36.74 -42.46
CA ALA F 189 -17.17 -37.64 -43.10
C ALA F 189 -15.75 -37.09 -43.02
N ASN F 190 -15.59 -35.78 -43.07
CA ASN F 190 -14.29 -35.13 -43.00
C ASN F 190 -13.84 -34.83 -41.57
N LEU F 191 -14.60 -35.27 -40.57
CA LEU F 191 -14.26 -34.96 -39.19
C LEU F 191 -13.03 -35.73 -38.74
N SER F 192 -12.15 -35.04 -38.02
CA SER F 192 -10.93 -35.62 -37.48
C SER F 192 -10.43 -34.69 -36.40
N LEU F 193 -9.40 -35.16 -35.66
CA LEU F 193 -8.83 -34.30 -34.63
C LEU F 193 -8.20 -33.05 -35.24
N GLU F 194 -7.46 -33.20 -36.33
CA GLU F 194 -6.93 -32.03 -37.03
C GLU F 194 -8.05 -31.10 -37.47
N ALA F 195 -9.10 -31.65 -38.07
CA ALA F 195 -10.25 -30.83 -38.45
C ALA F 195 -10.88 -30.17 -37.24
N LEU F 196 -10.87 -30.85 -36.08
CA LEU F 196 -11.43 -30.28 -34.87
C LEU F 196 -10.56 -29.16 -34.31
N PHE F 197 -9.25 -29.23 -34.50
CA PHE F 197 -8.37 -28.13 -34.07
C PHE F 197 -8.60 -26.90 -34.93
N GLN F 198 -8.80 -27.06 -36.25
CA GLN F 198 -9.09 -25.90 -37.10
C GLN F 198 -10.40 -25.27 -36.68
N ILE F 199 -11.41 -26.10 -36.37
CA ILE F 199 -12.69 -25.57 -35.94
C ILE F 199 -12.48 -24.74 -34.68
N LEU F 200 -11.75 -25.31 -33.72
CA LEU F 200 -11.43 -24.60 -32.48
C LEU F 200 -10.43 -23.48 -32.70
N SER F 201 -9.96 -23.27 -33.93
CA SER F 201 -9.13 -22.14 -34.28
C SER F 201 -9.91 -21.04 -34.97
N VAL F 202 -11.21 -21.24 -35.18
CA VAL F 202 -12.04 -20.23 -35.81
C VAL F 202 -12.28 -19.08 -34.83
N VAL F 203 -12.37 -17.88 -35.37
CA VAL F 203 -12.68 -16.69 -34.56
C VAL F 203 -14.18 -16.50 -34.57
N PRO F 204 -14.83 -16.19 -33.43
CA PRO F 204 -14.24 -15.93 -32.11
C PRO F 204 -14.19 -17.11 -31.15
N VAL F 205 -14.34 -18.33 -31.67
CA VAL F 205 -14.13 -19.52 -30.84
C VAL F 205 -12.71 -19.50 -30.27
N TYR F 206 -11.74 -19.11 -31.10
CA TYR F 206 -10.38 -18.83 -30.66
C TYR F 206 -10.25 -17.32 -30.53
N ASN F 207 -10.21 -16.82 -29.30
CA ASN F 207 -10.28 -15.39 -29.06
C ASN F 207 -9.08 -14.92 -28.24
N ASN F 208 -9.10 -13.64 -27.86
CA ASN F 208 -7.96 -13.05 -27.15
C ASN F 208 -7.72 -13.72 -25.80
N PHE F 209 -8.76 -14.29 -25.20
CA PHE F 209 -8.63 -14.91 -23.88
C PHE F 209 -8.32 -16.39 -23.94
N THR F 210 -8.21 -16.98 -25.13
CA THR F 210 -7.94 -18.40 -25.23
C THR F 210 -6.53 -18.68 -24.70
N ILE F 211 -6.42 -19.67 -23.81
CA ILE F 211 -5.15 -20.04 -23.22
C ILE F 211 -4.54 -21.25 -23.93
N TYR F 212 -5.33 -22.29 -24.17
CA TYR F 212 -4.83 -23.46 -24.87
C TYR F 212 -5.99 -24.17 -25.56
N THR F 213 -5.63 -24.94 -26.58
CA THR F 213 -6.59 -25.75 -27.33
C THR F 213 -6.18 -27.21 -27.18
N THR F 214 -7.11 -28.03 -26.69
CA THR F 214 -6.89 -29.46 -26.55
C THR F 214 -7.86 -30.20 -27.45
N VAL F 215 -7.35 -31.18 -28.19
CA VAL F 215 -8.17 -32.09 -28.99
C VAL F 215 -7.78 -33.50 -28.60
N MET F 216 -8.75 -34.41 -28.58
CA MET F 216 -8.50 -35.73 -28.03
C MET F 216 -9.57 -36.70 -28.48
N SER F 217 -9.25 -37.99 -28.35
CA SER F 217 -10.18 -39.06 -28.70
C SER F 217 -9.80 -40.28 -27.87
N ALA F 218 -10.61 -40.63 -26.88
CA ALA F 218 -10.26 -41.73 -25.97
C ALA F 218 -9.97 -43.01 -26.73
N GLY F 219 -10.62 -43.22 -27.88
CA GLY F 219 -10.33 -44.40 -28.68
C GLY F 219 -8.96 -44.40 -29.31
N SER F 220 -8.31 -43.24 -29.44
CA SER F 220 -6.96 -43.13 -29.97
C SER F 220 -6.15 -42.28 -29.01
N PRO F 221 -5.76 -42.84 -27.86
CA PRO F 221 -5.19 -41.99 -26.79
C PRO F 221 -3.86 -41.34 -27.15
N ASP F 222 -3.13 -41.88 -28.12
CA ASP F 222 -1.81 -41.34 -28.41
C ASP F 222 -1.89 -39.96 -29.07
N LYS F 223 -3.07 -39.58 -29.58
CA LYS F 223 -3.20 -38.32 -30.31
C LYS F 223 -3.54 -37.12 -29.42
N TYR F 224 -3.70 -37.32 -28.11
CA TYR F 224 -3.92 -36.22 -27.19
C TYR F 224 -2.91 -35.10 -27.44
N MET F 225 -3.41 -33.89 -27.62
CA MET F 225 -2.58 -32.76 -28.03
C MET F 225 -3.14 -31.46 -27.46
N THR F 226 -2.27 -30.72 -26.77
CA THR F 226 -2.58 -29.40 -26.26
C THR F 226 -1.66 -28.41 -26.94
N ARG F 227 -2.22 -27.32 -27.45
CA ARG F 227 -1.47 -26.27 -28.12
C ARG F 227 -1.76 -24.94 -27.45
N ILE F 228 -0.70 -24.25 -27.01
CA ILE F 228 -0.83 -22.97 -26.35
C ILE F 228 -0.93 -21.87 -27.41
N ARG F 229 -1.78 -20.89 -27.15
CA ARG F 229 -2.18 -19.93 -28.18
C ARG F 229 -1.45 -18.61 -28.01
N ASN F 230 -0.87 -18.10 -29.12
CA ASN F 230 -0.11 -16.86 -29.24
C ASN F 230 0.57 -16.46 -27.93
N PRO F 231 1.43 -17.33 -27.37
CA PRO F 231 2.14 -17.02 -26.12
C PRO F 231 3.07 -15.80 -26.23
C1 NAG G . -4.33 15.12 -21.76
C2 NAG G . -5.81 14.92 -21.91
C3 NAG G . -6.12 14.13 -23.18
C4 NAG G . -5.51 14.80 -24.39
C5 NAG G . -4.01 15.01 -24.19
C6 NAG G . -3.36 15.77 -25.32
C7 NAG G . -7.06 14.90 -19.80
C8 NAG G . -7.53 14.07 -18.65
N2 NAG G . -6.36 14.27 -20.75
O3 NAG G . -7.52 14.00 -23.33
O4 NAG G . -5.69 14.01 -25.56
O5 NAG G . -3.78 15.76 -22.98
O6 NAG G . -3.48 17.17 -25.17
O7 NAG G . -7.31 16.10 -19.88
H1 NAG G . -3.89 14.26 -21.63
H2 NAG G . -6.24 15.80 -22.01
H3 NAG G . -5.73 13.23 -23.10
H4 NAG G . -5.94 15.67 -24.53
H5 NAG G . -3.57 14.14 -24.10
H61 NAG G . -3.76 15.50 -26.17
H62 NAG G . -2.41 15.54 -25.35
H81 NAG G . -6.76 13.67 -18.21
H82 NAG G . -8.12 13.37 -18.99
H83 NAG G . -8.02 14.63 -18.02
HN2 NAG G . -6.22 13.37 -20.64
HO3 NAG G . -7.74 14.08 -24.19
HO6 NAG G . -2.89 17.59 -25.68
C1 NAG G . -6.51 14.69 -26.54
C2 NAG G . -6.24 14.14 -27.93
C3 NAG G . -7.17 14.81 -28.96
C4 NAG G . -8.62 14.68 -28.52
C5 NAG G . -8.80 15.19 -27.09
C6 NAG G . -10.19 14.96 -26.55
C7 NAG G . -3.93 13.37 -28.15
C8 NAG G . -2.54 13.74 -28.60
N2 NAG G . -4.86 14.32 -28.31
O3 NAG G . -6.99 14.20 -30.22
O4 NAG G . -9.45 15.43 -29.39
O5 NAG G . -7.89 14.53 -26.20
O6 NAG G . -10.27 15.22 -25.16
O7 NAG G . -4.19 12.28 -27.65
H1 NAG G . -6.28 15.64 -26.56
H2 NAG G . -6.45 13.19 -27.92
H3 NAG G . -6.93 15.76 -29.01
H4 NAG G . -8.88 13.74 -28.55
H5 NAG G . -8.61 16.15 -27.07
H61 NAG G . -10.43 14.02 -26.70
H62 NAG G . -10.83 15.53 -27.01
H81 NAG G . -2.23 14.52 -28.11
H82 NAG G . -2.55 13.93 -29.56
H83 NAG G . -1.94 12.99 -28.43
HN2 NAG G . -4.61 15.12 -28.68
HO3 NAG G . -7.44 14.65 -30.83
HO4 NAG G . -10.30 15.35 -29.13
HO6 NAG G . -11.11 15.18 -24.89
C1 NAG H . -3.26 29.28 2.13
C2 NAG H . -4.63 28.63 2.09
C3 NAG H . -5.68 29.62 1.60
C4 NAG H . -5.61 30.90 2.42
C5 NAG H . -4.19 31.44 2.50
C6 NAG H . -4.06 32.61 3.45
C7 NAG H . -4.38 26.21 1.74
C8 NAG H . -4.40 25.09 0.74
N2 NAG H . -4.63 27.43 1.26
O3 NAG H . -6.98 29.04 1.70
O4 NAG H . -6.45 31.89 1.82
O5 NAG H . -3.30 30.43 2.97
O6 NAG H . -3.23 33.63 2.92
O7 NAG H . -4.12 26.01 2.93
H1 NAG H . -3.02 29.56 1.22
H2 NAG H . -4.88 28.37 3.00
H3 NAG H . -5.49 29.83 0.66
H4 NAG H . -5.93 30.71 3.32
H5 NAG H . -3.91 31.73 1.61
H61 NAG H . -3.68 32.29 4.29
H62 NAG H . -4.95 32.98 3.63
H81 NAG H . -3.74 25.26 0.04
H82 NAG H . -5.29 25.03 0.34
H83 NAG H . -4.18 24.25 1.18
HN2 NAG H . -4.81 27.52 0.37
HO3 NAG H . -7.59 29.68 1.63
HO4 NAG H . -6.06 32.69 1.89
HO6 NAG H . -2.95 34.16 3.57
CL CL I . 23.49 10.07 -2.30
C13 TON J . 22.11 19.38 1.47
C14 TON J . 22.79 18.74 2.50
C15 TON J . 24.02 18.16 2.27
O1 TON J . 24.72 17.51 3.34
C1 TON J . 23.97 16.60 4.15
C2 TON J . 24.82 16.34 5.41
O2 TON J . 24.41 15.19 6.13
C3 TON J . 25.37 14.78 7.10
C4 TON J . 24.71 14.54 8.47
O3 TON J . 23.89 13.38 8.41
C16 TON J . 24.61 18.22 1.01
C17 TON J . 23.94 18.86 -0.03
C18 TON J . 22.69 19.44 0.20
C5 TON J . 21.90 20.17 -0.93
C8 TON J . 20.48 19.60 -0.93
C7 TON J . 22.54 19.89 -2.30
C6 TON J . 21.79 21.72 -0.64
C9 TON J . 23.09 22.51 -0.27
C12 TON J . 24.22 22.28 -1.26
C11 TON J . 23.58 22.18 1.15
C10 TON J . 22.78 24.01 -0.30
H13 TON J . 21.28 19.76 1.62
H14 TON J . 22.42 18.71 3.35
H11 TON J . 23.12 16.99 4.38
H12 TON J . 23.83 15.76 3.66
H21 TON J . 24.74 17.12 5.99
H22 TON J . 25.75 16.23 5.15
H31 TON J . 26.05 15.49 7.20
H32 TON J . 25.79 13.97 6.81
H41 TON J . 25.39 14.42 9.15
H42 TON J . 24.15 15.31 8.71
HO3 TON J . 23.65 13.17 9.20
H162 TON J . 25.43 17.83 0.86
H17 TON J . 24.31 18.90 -0.89
H81 TON J . 19.91 20.16 -0.38
H82 TON J . 20.14 19.60 -1.84
H83 TON J . 20.49 18.70 -0.58
H71 TON J . 23.41 20.32 -2.34
H72 TON J . 21.97 20.26 -3.00
H73 TON J . 22.64 18.94 -2.43
H61 TON J . 21.16 21.83 0.09
H62 TON J . 21.42 22.14 -1.44
H121 TON J . 24.92 22.93 -1.11
H122 TON J . 24.58 21.39 -1.14
H123 TON J . 23.88 22.38 -2.17
H111 TON J . 22.84 21.81 1.66
H112 TON J . 24.29 21.53 1.11
H113 TON J . 23.89 22.99 1.58
H101 TON J . 22.43 24.25 -1.18
H102 TON J . 23.58 24.52 -0.12
H103 TON J . 22.11 24.22 0.38
C1 NAG K . 21.47 -16.67 -17.69
C2 NAG K . 22.57 -16.99 -16.69
C3 NAG K . 23.93 -16.63 -17.29
C4 NAG K . 24.12 -17.35 -18.62
C5 NAG K . 22.93 -17.10 -19.55
C6 NAG K . 22.98 -17.96 -20.80
C7 NAG K . 21.64 -16.81 -14.43
C8 NAG K . 21.52 -15.95 -13.21
N2 NAG K . 22.37 -16.30 -15.43
O3 NAG K . 24.96 -17.01 -16.39
O4 NAG K . 25.32 -16.89 -19.24
O5 NAG K . 21.69 -17.40 -18.90
O6 NAG K . 22.32 -19.21 -20.58
O7 NAG K . 21.11 -17.92 -14.51
H1 NAG K . 21.47 -15.72 -17.88
H2 NAG K . 22.56 -17.96 -16.52
H3 NAG K . 23.96 -15.67 -17.43
H4 NAG K . 24.19 -18.31 -18.46
H5 NAG K . 22.93 -16.16 -19.81
H61 NAG K . 23.91 -18.14 -21.04
H62 NAG K . 22.54 -17.49 -21.53
H81 NAG K . 21.10 -15.10 -13.44
H82 NAG K . 22.41 -15.78 -12.84
H83 NAG K . 20.99 -16.41 -12.54
HN2 NAG K . 22.75 -15.48 -15.33
HO3 NAG K . 25.75 -16.90 -16.78
HO4 NAG K . 26.02 -17.29 -18.86
HO6 NAG K . 21.92 -19.45 -21.33
CL CL L . 11.16 20.41 -19.14
CL CL M . 22.69 -8.43 -16.37
C01 WTF N . 16.80 7.13 -6.15
C02 WTF N . 15.28 7.33 -6.23
S03 WTF N . 14.53 7.30 -4.57
O04 WTF N . 13.22 7.92 -4.59
O05 WTF N . 14.20 5.94 -4.14
C06 WTF N . 15.66 8.07 -3.31
C07 WTF N . 15.64 9.45 -3.11
C08 WTF N . 16.47 10.03 -2.19
C09 WTF N . 17.32 9.23 -1.43
C10 WTF N . 17.33 7.85 -1.61
C11 WTF N . 16.51 7.27 -2.54
C12 WTF N . 14.68 10.32 -4.01
O13 WTF N . 14.97 10.47 -5.14
N14 WTF N . 13.43 10.91 -3.48
C15 WTF N . 13.01 10.76 -2.13
C16 WTF N . 11.48 10.87 -1.87
N17 WTF N . 10.80 12.04 -2.52
C18 WTF N . 11.58 12.62 -3.68
C19 WTF N . 12.60 11.69 -4.35
C20 WTF N . 11.82 10.76 -5.31
C21 WTF N . 9.58 12.67 -2.07
N22 WTF N . 8.69 13.45 -2.83
C23 WTF N . 7.61 13.92 -1.99
C24 WTF N . 7.67 13.53 -0.65
S25 WTF N . 9.04 12.59 -0.49
C26 WTF N . 6.67 13.91 0.29
C27 WTF N . 5.56 14.74 -0.18
F28 WTF N . 4.55 15.14 0.73
C29 WTF N . 5.47 15.17 -1.57
C30 WTF N . 6.51 14.75 -2.46
H012 WTF N . 17.18 7.14 -7.03
H011 WTF N . 16.99 6.28 -5.71
H013 WTF N . 17.19 7.86 -5.62
H022 WTF N . 15.09 8.18 -6.66
H021 WTF N . 14.90 6.62 -6.77
H081 WTF N . 16.47 10.96 -2.07
H091 WTF N . 17.87 9.60 -0.79
H101 WTF N . 17.90 7.32 -1.09
H111 WTF N . 16.51 6.35 -2.66
H151 WTF N . 13.30 9.90 -1.82
H152 WTF N . 13.44 11.45 -1.61
H162 WTF N . 11.06 10.04 -2.20
H161 WTF N . 11.35 10.92 -0.91
H182 WTF N . 12.06 13.39 -3.36
H181 WTF N . 10.94 12.90 -4.36
H191 WTF N . 13.22 12.24 -4.86
H203 WTF N . 11.96 9.83 -5.06
H201 WTF N . 12.14 10.89 -6.21
H202 WTF N . 10.88 10.96 -5.26
H261 WTF N . 6.72 13.64 1.17
H291 WTF N . 4.77 15.69 -1.86
H301 WTF N . 6.47 15.01 -3.35
C1 NAG O . 8.07 19.11 47.32
C2 NAG O . 7.99 19.80 48.69
C3 NAG O . 9.26 20.63 48.95
C4 NAG O . 10.51 19.81 48.71
C5 NAG O . 10.45 19.17 47.32
C6 NAG O . 11.61 18.26 47.04
C7 NAG O . 5.85 20.50 49.68
C8 NAG O . 4.70 21.47 49.60
N2 NAG O . 6.82 20.65 48.77
O3 NAG O . 9.23 21.10 50.29
O4 NAG O . 11.66 20.64 48.79
O5 NAG O . 9.26 18.37 47.23
O6 NAG O . 11.17 16.93 46.81
O7 NAG O . 5.90 19.61 50.53
H1 NAG O . 8.05 19.80 46.63
H2 NAG O . 7.95 19.12 49.38
H3 NAG O . 9.26 21.40 48.34
H4 NAG O . 10.57 19.10 49.39
H5 NAG O . 10.42 19.87 46.65
H61 NAG O . 12.22 18.26 47.81
H62 NAG O . 12.09 18.57 46.26
H81 NAG O . 4.26 21.38 48.73
H82 NAG O . 5.04 22.38 49.70
H83 NAG O . 4.06 21.29 50.31
HN2 NAG O . 6.74 21.33 48.16
HO3 NAG O . 10.06 21.19 50.59
HO4 NAG O . 12.17 20.38 49.48
HO6 NAG O . 11.82 16.36 47.01
CL CL P . 5.55 2.30 42.00
CL CL Q . -3.32 11.07 52.60
CL CL R . -12.76 16.16 20.15
S SCN S . 1.19 16.47 50.57
C SCN S . 2.03 17.87 49.83
N SCN S . 2.57 18.80 49.33
C13 TON T . -16.68 8.15 24.38
C14 TON T . -17.63 8.86 23.64
C15 TON T . -17.42 9.15 22.30
O1 TON T . -18.39 9.87 21.54
C1 TON T . -19.73 9.40 21.64
C2 TON T . -20.68 10.63 21.69
O2 TON T . -20.90 11.15 20.38
C3 TON T . -22.26 11.15 19.99
C4 TON T . -22.75 9.70 19.83
O3 TON T . -23.93 9.67 19.05
C16 TON T . -16.24 8.74 21.69
C17 TON T . -15.28 8.04 22.41
C18 TON T . -15.49 7.76 23.75
C5 TON T . -14.42 6.96 24.57
C8 TON T . -13.97 7.85 25.71
C7 TON T . -13.20 6.62 23.72
C6 TON T . -15.09 5.67 25.22
C9 TON T . -15.57 4.50 24.27
C12 TON T . -14.39 3.68 23.76
C11 TON T . -16.43 4.97 23.08
C10 TON T . -16.45 3.56 25.12
H13 TON T . -16.82 7.95 25.27
H14 TON T . -18.42 9.13 24.07
H11 TON T . -19.96 8.86 20.86
H12 TON T . -19.85 8.87 22.43
H21 TON T . -20.27 11.32 22.25
H22 TON T . -21.53 10.36 22.07
H31 TON T . -22.35 11.62 19.14
H32 TON T . -22.79 11.60 20.66
H41 TON T . -22.06 9.17 19.38
H42 TON T . -22.93 9.32 20.70
HO3 TON T . -24.61 9.66 19.56
H162 TON T . -16.10 8.94 20.79
H17 TON T . -14.50 7.76 21.99
H81 TON T . -14.49 7.66 26.51
H82 TON T . -13.03 7.68 25.90
H83 TON T . -14.09 8.78 25.48
H71 TON T . -13.46 6.02 23.00
H72 TON T . -12.53 6.19 24.28
H73 TON T . -12.83 7.44 23.35
H61 TON T . -15.87 5.97 25.71
H62 TON T . -14.43 5.30 25.82
H121 TON T . -14.71 2.85 23.38
H122 TON T . -13.91 4.19 23.09
H123 TON T . -13.80 3.49 24.50
H111 TON T . -16.84 5.83 23.29
H112 TON T . -15.89 5.05 22.29
H113 TON T . -17.14 4.32 22.92
H101 TON T . -15.94 3.25 25.89
H102 TON T . -16.74 2.80 24.59
H103 TON T . -17.24 4.05 25.43
C1 NAG U . 4.40 40.73 12.27
C2 NAG U . 3.47 41.09 11.11
C3 NAG U . 3.99 40.51 9.79
C4 NAG U . 5.43 40.94 9.54
C5 NAG U . 6.30 40.53 10.73
C6 NAG U . 7.75 40.94 10.59
C7 NAG U . 1.24 41.22 12.15
C8 NAG U . -0.08 40.53 12.32
N2 NAG U . 2.13 40.58 11.38
O3 NAG U . 3.15 40.92 8.72
O4 NAG U . 5.92 40.33 8.35
O5 NAG U . 5.79 41.13 11.93
O6 NAG U . 7.88 42.22 10.00
O7 NAG U . 1.50 42.29 12.68
H1 NAG U . 4.38 39.77 12.43
H2 NAG U . 3.44 42.05 11.01
H3 NAG U . 3.97 39.53 9.84
H4 NAG U . 5.47 41.91 9.44
H5 NAG U . 6.27 39.55 10.82
H61 NAG U . 8.22 40.29 10.04
H62 NAG U . 8.16 40.96 11.48
H81 NAG U . 0.05 39.66 12.73
H82 NAG U . -0.50 40.44 11.45
H83 NAG U . -0.65 41.08 12.89
HN2 NAG U . 1.88 39.79 11.00
HO3 NAG U . 3.65 41.26 8.07
HO4 NAG U . 6.81 40.41 8.31
HO6 NAG U . 8.69 42.56 10.20
CL CL V . 3.39 32.72 13.75
CL CL W . 14.60 10.66 32.09
CL CL X . 4.29 26.52 39.32
CL CL Y . -5.28 6.07 12.98
S SCN Z . 4.64 9.16 35.41
C SCN Z . 3.95 8.46 33.90
N SCN Z . 3.46 8.07 32.90
S SCN AA . 11.79 9.55 17.29
C SCN AA . 13.15 8.42 16.98
N SCN AA . 14.03 7.67 16.75
C01 WTF BA . -7.91 20.55 25.01
C02 WTF BA . -7.74 21.19 26.40
S03 WTF BA . -9.34 21.47 27.25
O04 WTF BA . -9.19 21.25 28.68
O05 WTF BA . -9.69 22.88 27.22
C06 WTF BA . -10.76 20.47 26.56
C07 WTF BA . -11.09 19.21 27.09
C08 WTF BA . -12.14 18.50 26.57
C09 WTF BA . -12.91 19.04 25.54
C10 WTF BA . -12.60 20.29 25.03
C11 WTF BA . -11.54 21.01 25.54
C12 WTF BA . -10.21 18.59 28.26
O13 WTF BA . -9.23 18.02 27.98
N14 WTF BA . -10.64 18.73 29.68
C15 WTF BA . -11.82 19.43 30.05
C16 WTF BA . -12.42 19.24 31.48
N17 WTF BA . -11.68 18.38 32.51
C18 WTF BA . -10.65 17.50 31.86
C19 WTF BA . -9.85 18.18 30.75
C20 WTF BA . -9.05 19.32 31.39
C21 WTF BA . -12.05 18.33 33.90
N22 WTF BA . -11.27 17.84 34.98
C23 WTF BA . -12.04 17.92 36.22
C24 WTF BA . -13.33 18.43 36.07
S25 WTF BA . -13.55 18.80 34.47
C26 WTF BA . -14.20 18.56 37.20
C27 WTF BA . -13.71 18.15 38.52
F28 WTF BA . -14.55 18.25 39.67
C29 WTF BA . -12.36 17.62 38.68
C30 WTF BA . -11.55 17.52 37.52
H012 WTF BA . -7.04 20.44 24.60
H011 WTF BA . -8.46 21.14 24.46
H013 WTF BA . -8.34 19.69 25.11
H022 WTF BA . -7.20 20.59 26.95
H021 WTF BA . -7.29 22.04 26.30
H081 WTF BA . -12.35 17.65 26.91
H091 WTF BA . -13.63 18.57 25.19
H101 WTF BA . -13.12 20.65 24.34
H111 WTF BA . -11.34 21.84 25.19
H151 WTF BA . -11.63 20.37 29.95
H152 WTF BA . -12.51 19.17 29.42
H162 WTF BA . -12.51 20.12 31.86
H161 WTF BA . -13.30 18.84 31.36
H182 WTF BA . -11.09 16.72 31.48
H181 WTF BA . -10.02 17.21 32.54
H191 WTF BA . -9.26 17.52 30.34
H203 WTF BA . -9.26 20.15 30.95
H201 WTF BA . -8.10 19.14 31.31
H202 WTF BA . -9.29 19.39 32.33
H261 WTF BA . -15.07 18.90 37.11
H291 WTF BA . -12.05 17.36 39.53
H301 WTF BA . -10.68 17.18 37.60
C1 NAG CA . 6.80 -40.70 -18.96
C2 NAG CA . 8.21 -41.03 -19.44
C3 NAG CA . 8.15 -41.95 -20.67
C4 NAG CA . 7.32 -43.19 -20.36
C5 NAG CA . 5.94 -42.79 -19.86
C6 NAG CA . 5.09 -43.96 -19.45
C7 NAG CA . 9.79 -39.24 -18.88
C8 NAG CA . 10.46 -38.00 -19.35
N2 NAG CA . 8.95 -39.82 -19.74
O3 NAG CA . 9.47 -42.32 -21.04
O4 NAG CA . 7.18 -43.99 -21.54
O5 NAG CA . 6.06 -41.94 -18.71
O6 NAG CA . 5.72 -44.75 -18.45
O7 NAG CA . 10.00 -39.71 -17.76
H1 NAG CA . 6.34 -40.19 -19.65
H2 NAG CA . 8.67 -41.51 -18.73
H3 NAG CA . 7.73 -41.46 -21.40
H4 NAG CA . 7.77 -43.71 -19.68
H5 NAG CA . 5.48 -42.29 -20.57
H61 NAG CA . 4.93 -44.53 -20.23
H62 NAG CA . 4.24 -43.64 -19.10
H81 NAG CA . 11.05 -37.66 -18.66
H82 NAG CA . 9.79 -37.32 -19.56
H83 NAG CA . 10.98 -38.19 -20.16
HN2 NAG CA . 8.83 -39.43 -20.56
HO3 NAG CA . 9.44 -42.88 -21.74
HO4 NAG CA . 6.84 -44.77 -21.33
HO6 NAG CA . 6.22 -44.22 -17.93
CL CL DA . 2.48 -11.31 -12.14
C13 TON EA . -14.36 -18.75 -1.13
C14 TON EA . -15.00 -17.53 -1.42
C15 TON EA . -16.35 -17.53 -1.74
O1 TON EA . -17.08 -16.33 -2.06
C1 TON EA . -16.56 -15.06 -1.65
C2 TON EA . -17.25 -14.00 -2.53
O2 TON EA . -17.54 -12.83 -1.78
C3 TON EA . -18.26 -11.84 -2.51
C4 TON EA . -18.75 -10.74 -1.53
O3 TON EA . -19.66 -9.87 -2.17
C16 TON EA . -17.06 -18.72 -1.76
C17 TON EA . -16.43 -19.92 -1.47
C18 TON EA . -15.07 -19.93 -1.17
C5 TON EA . -14.36 -21.28 -0.82
C8 TON EA . -13.18 -21.41 -1.78
C7 TON EA . -15.30 -22.48 -1.10
C6 TON EA . -13.78 -21.27 0.64
C9 TON EA . -14.77 -21.22 1.85
C12 TON EA . -15.38 -22.60 2.10
C11 TON EA . -15.87 -20.16 1.71
C10 TON EA . -13.93 -20.86 3.08
H13 TON EA . -13.45 -18.75 -0.91
H14 TON EA . -14.52 -16.74 -1.40
H11 TON EA . -16.75 -14.90 -0.71
H12 TON EA . -15.60 -15.03 -1.79
H21 TON EA . -18.08 -14.37 -2.88
H22 TON EA . -16.67 -13.77 -3.27
H31 TON EA . -19.03 -12.23 -2.94
H32 TON EA . -17.68 -11.43 -3.17
H41 TON EA . -19.19 -11.16 -0.77
H42 TON EA . -17.99 -10.22 -1.21
HO3 TON EA . -20.02 -9.35 -1.60
H162 TON EA . -17.97 -18.72 -1.97
H17 TON EA . -16.92 -20.71 -1.48
H81 TON EA . -12.38 -21.07 -1.35
H82 TON EA . -13.05 -22.35 -2.01
H83 TON EA . -13.36 -20.90 -2.59
H71 TON EA . -16.04 -22.44 -0.48
H72 TON EA . -14.81 -23.30 -0.97
H73 TON EA . -15.63 -22.43 -2.00
H61 TON EA . -13.21 -20.50 0.70
H62 TON EA . -13.25 -22.08 0.73
H121 TON EA . -15.81 -22.61 2.96
H122 TON EA . -16.05 -22.78 1.41
H123 TON EA . -14.69 -23.27 2.06
H111 TON EA . -15.58 -19.47 1.09
H112 TON EA . -16.69 -20.57 1.39
H113 TON EA . -16.04 -19.75 2.59
H101 TON EA . -13.22 -21.51 3.20
H102 TON EA . -14.49 -20.86 3.88
H103 TON EA . -13.55 -19.97 2.96
CL CL FA . -25.52 -28.61 -31.07
S SCN GA . -5.76 -38.99 -8.80
C SCN GA . -7.20 -38.95 -7.73
N SCN GA . -8.16 -38.94 -7.04
S SCN HA . -17.64 -19.35 -11.24
C SCN HA . -19.18 -19.55 -10.32
N SCN HA . -20.15 -19.67 -9.67
S SCN IA . -18.69 -48.50 -38.58
C SCN IA . -19.90 -47.42 -39.36
N SCN IA . -20.67 -46.71 -39.90
C01 WTF JA . -13.82 -22.88 -15.85
C02 WTF JA . -12.32 -23.07 -16.12
S03 WTF JA . -11.41 -21.49 -15.87
O04 WTF JA . -10.02 -21.75 -15.54
O05 WTF JA . -11.29 -20.73 -17.10
C06 WTF JA . -12.20 -20.40 -14.59
C07 WTF JA . -11.81 -20.51 -13.26
C08 WTF JA . -12.39 -19.68 -12.33
C09 WTF JA . -13.33 -18.73 -12.73
C10 WTF JA . -13.69 -18.61 -14.05
C11 WTF JA . -13.12 -19.44 -15.00
C12 WTF JA . -10.74 -21.61 -12.85
O13 WTF JA . -11.08 -22.73 -12.76
N14 WTF JA . -9.32 -21.26 -12.63
C15 WTF JA . -8.87 -19.92 -12.74
C16 WTF JA . -7.34 -19.63 -12.70
N17 WTF JA . -6.45 -20.61 -11.97
C18 WTF JA . -7.24 -21.75 -11.35
C19 WTF JA . -8.37 -22.26 -12.27
C20 WTF JA . -7.72 -22.84 -13.53
C21 WTF JA . -5.02 -20.41 -11.76
N22 WTF JA . -4.01 -21.39 -11.56
C23 WTF JA . -2.72 -20.73 -11.37
C24 WTF JA . -2.75 -19.34 -11.44
S25 WTF JA . -4.33 -18.89 -11.72
C26 WTF JA . -1.58 -18.55 -11.28
C27 WTF JA . -0.30 -19.23 -11.04
F28 WTF JA . 0.88 -18.45 -10.87
C29 WTF JA . -0.24 -20.68 -10.97
C30 WTF JA . -1.45 -21.41 -11.14
H012 WTF JA . -14.28 -23.72 -15.98
H011 WTF JA . -14.18 -22.21 -16.46
H013 WTF JA . -13.94 -22.58 -14.94
H022 WTF JA . -11.97 -23.74 -15.53
H021 WTF JA . -12.20 -23.35 -17.05
H081 WTF JA . -12.15 -19.76 -11.43
H091 WTF JA . -13.71 -18.17 -12.09
H101 WTF JA . -14.31 -17.97 -14.31
H111 WTF JA . -13.36 -19.36 -15.90
H151 WTF JA . -9.19 -19.58 -13.59
H152 WTF JA . -9.27 -19.42 -12.02
H162 WTF JA . -7.03 -19.59 -13.63
H161 WTF JA . -7.22 -18.77 -12.29
H182 WTF JA . -7.63 -21.44 -10.53
H181 WTF JA . -6.64 -22.49 -11.17
H191 WTF JA . -8.85 -22.96 -11.80
H203 WTF JA . -8.21 -22.53 -14.32
H201 WTF JA . -7.75 -23.81 -13.50
H202 WTF JA . -6.80 -22.56 -13.59
H261 WTF JA . -1.62 -17.63 -11.32
H291 WTF JA . 0.57 -21.10 -10.83
H301 WTF JA . -1.44 -22.34 -11.09
#